data_6HIL
#
_entry.id   6HIL
#
_cell.length_a   40.125
_cell.length_b   46.544
_cell.length_c   144.337
_cell.angle_alpha   98.610
_cell.angle_beta   90.850
_cell.angle_gamma   108.140
#
_symmetry.space_group_name_H-M   'P 1'
#
loop_
_entity.id
_entity.type
_entity.pdbx_description
1 polymer 'Transcriptional enhancer factor TEF-1'
2 polymer 'Transcriptional coactivator YAP1'
3 non-polymer 'MYRISTIC ACID'
4 water water
#
loop_
_entity_poly.entity_id
_entity_poly.type
_entity_poly.pdbx_seq_one_letter_code
_entity_poly.pdbx_strand_id
1 'polypeptide(L)'
;GRSIGTTKLRLVEFSAFLEQQRDPDSYNKHLFVHIGHANHSYSDPLLESVDIRQIYDKFPEKKGGLKELFGKGPQNAFFL
VKFWADLNCNIQDDAGAFYGVTSQYESSENMTVTCSTKVCSFGKQVVEKVETEYARFENGRFVYRINRSPMCEYMINFIH
KLKHLPEKYMMNSVLENFTILLVVTNRDTQETLLCMACVFEVSNSEHGAQHHIHRLVK
;
A,D,B,C
2 'polypeptide(L)' DSETDLEALFNAVMNPKTANVPQTVPMRLRKLPDSFFKPPE L,O,M,N
#
loop_
_chem_comp.id
_chem_comp.type
_chem_comp.name
_chem_comp.formula
MYR non-polymer 'MYRISTIC ACID' 'C14 H28 O2'
#
# COMPACT_ATOMS: atom_id res chain seq x y z
N ILE A 4 29.50 -39.75 28.84
CA ILE A 4 29.11 -38.34 28.52
C ILE A 4 30.33 -37.51 28.19
N GLY A 5 30.32 -36.93 26.99
CA GLY A 5 31.37 -36.00 26.59
C GLY A 5 31.74 -36.03 25.12
N THR A 6 32.37 -34.95 24.67
CA THR A 6 32.90 -34.82 23.32
C THR A 6 34.39 -35.21 23.27
N THR A 7 35.07 -34.72 22.25
CA THR A 7 36.52 -34.87 22.15
C THR A 7 37.21 -33.64 22.77
N LYS A 8 36.40 -32.65 23.14
CA LYS A 8 36.90 -31.44 23.75
C LYS A 8 36.80 -31.45 25.27
N LEU A 9 35.72 -32.01 25.80
CA LEU A 9 35.54 -32.15 27.25
C LEU A 9 34.72 -33.38 27.62
N ARG A 10 35.27 -34.18 28.52
CA ARG A 10 34.63 -35.40 28.98
C ARG A 10 34.30 -35.27 30.47
N LEU A 11 33.08 -35.65 30.83
CA LEU A 11 32.66 -35.72 32.23
C LEU A 11 33.18 -37.02 32.82
N VAL A 12 33.92 -36.90 33.92
CA VAL A 12 34.55 -38.05 34.57
C VAL A 12 33.78 -38.50 35.82
N GLU A 13 33.28 -37.54 36.60
CA GLU A 13 32.56 -37.85 37.81
C GLU A 13 31.52 -36.80 38.15
N PHE A 14 30.33 -37.28 38.48
CA PHE A 14 29.30 -36.45 39.06
C PHE A 14 28.68 -37.19 40.23
N SER A 15 28.45 -36.44 41.31
CA SER A 15 28.04 -37.04 42.56
C SER A 15 27.35 -36.02 43.42
N ALA A 16 26.16 -36.38 43.92
CA ALA A 16 25.48 -35.60 44.93
C ALA A 16 25.38 -36.48 46.17
N PHE A 17 25.66 -35.89 47.34
CA PHE A 17 25.74 -36.68 48.55
C PHE A 17 25.30 -35.93 49.79
N LEU A 18 25.09 -36.69 50.86
CA LEU A 18 24.90 -36.19 52.23
C LEU A 18 25.97 -36.82 53.11
N GLU A 19 26.73 -35.98 53.80
CA GLU A 19 27.77 -36.45 54.70
C GLU A 19 27.37 -36.13 56.14
N GLN A 20 27.39 -37.16 56.98
CA GLN A 20 27.03 -37.01 58.39
CA GLN A 20 27.02 -37.02 58.39
C GLN A 20 28.21 -37.36 59.30
N GLN A 21 28.57 -36.42 60.16
CA GLN A 21 29.68 -36.61 61.09
C GLN A 21 29.19 -37.13 62.43
N ARG A 22 29.48 -38.41 62.71
CA ARG A 22 29.20 -39.01 64.01
C ARG A 22 30.11 -38.36 65.07
N ASP A 23 31.34 -38.83 65.14
CA ASP A 23 32.37 -38.21 65.98
C ASP A 23 33.43 -37.59 65.05
N PRO A 24 34.35 -36.77 65.60
CA PRO A 24 35.30 -36.04 64.75
C PRO A 24 36.18 -36.93 63.85
N ASP A 25 36.09 -38.25 64.02
CA ASP A 25 36.88 -39.17 63.23
C ASP A 25 36.05 -40.15 62.39
N SER A 26 34.72 -40.03 62.48
CA SER A 26 33.83 -40.92 61.75
C SER A 26 32.80 -40.18 60.92
N TYR A 27 32.77 -40.51 59.64
CA TYR A 27 31.89 -39.84 58.69
C TYR A 27 31.12 -40.85 57.88
N ASN A 28 29.80 -40.69 57.85
CA ASN A 28 28.94 -41.45 56.96
C ASN A 28 28.67 -40.63 55.72
N LYS A 29 28.84 -41.24 54.55
CA LYS A 29 28.57 -40.57 53.29
C LYS A 29 27.50 -41.36 52.55
N HIS A 30 26.45 -40.67 52.13
CA HIS A 30 25.42 -41.30 51.32
C HIS A 30 25.24 -40.57 50.00
N LEU A 31 25.31 -41.33 48.91
CA LEU A 31 25.16 -40.77 47.57
C LEU A 31 23.70 -40.79 47.12
N PHE A 32 23.19 -39.63 46.70
CA PHE A 32 21.85 -39.53 46.13
C PHE A 32 21.87 -39.99 44.68
N VAL A 33 22.80 -39.43 43.90
CA VAL A 33 23.08 -39.87 42.53
C VAL A 33 24.58 -39.83 42.25
N HIS A 34 25.03 -40.72 41.37
CA HIS A 34 26.43 -40.74 40.95
C HIS A 34 26.62 -41.13 39.50
N ILE A 35 27.61 -40.51 38.88
CA ILE A 35 28.10 -40.89 37.57
C ILE A 35 29.61 -41.12 37.68
N GLY A 36 30.07 -42.25 37.15
CA GLY A 36 31.49 -42.58 37.15
C GLY A 36 31.94 -43.18 38.47
N LEU A 47 22.09 -45.41 25.36
CA LEU A 47 20.72 -45.76 24.98
C LEU A 47 20.21 -44.89 23.83
N GLU A 48 18.98 -45.14 23.40
CA GLU A 48 18.33 -44.41 22.29
C GLU A 48 18.39 -42.90 22.49
N SER A 49 18.41 -42.15 21.40
CA SER A 49 18.45 -40.68 21.46
C SER A 49 17.08 -40.06 21.78
N VAL A 50 17.08 -38.82 22.24
CA VAL A 50 15.88 -38.12 22.66
C VAL A 50 15.68 -36.80 21.89
N ASP A 51 14.45 -36.58 21.42
CA ASP A 51 14.07 -35.33 20.75
C ASP A 51 14.01 -34.18 21.77
N ILE A 52 14.89 -33.19 21.62
CA ILE A 52 15.00 -32.10 22.59
C ILE A 52 13.74 -31.23 22.67
N ARG A 53 12.92 -31.28 21.62
CA ARG A 53 11.68 -30.51 21.58
C ARG A 53 10.66 -31.08 22.55
N GLN A 54 10.69 -32.40 22.71
CA GLN A 54 9.86 -33.09 23.69
C GLN A 54 10.10 -32.66 25.14
N ILE A 55 11.15 -31.86 25.38
CA ILE A 55 11.51 -31.49 26.77
C ILE A 55 11.84 -30.02 27.01
N TYR A 56 11.60 -29.18 25.99
CA TYR A 56 11.84 -27.74 26.13
C TYR A 56 11.05 -27.09 27.25
N ASP A 57 9.81 -27.56 27.46
CA ASP A 57 8.91 -27.00 28.48
C ASP A 57 9.40 -27.18 29.92
N LYS A 58 10.28 -28.15 30.14
CA LYS A 58 10.72 -28.52 31.48
C LYS A 58 11.97 -27.75 31.93
N PHE A 59 12.55 -26.99 31.01
CA PHE A 59 13.75 -26.21 31.28
C PHE A 59 13.51 -24.76 30.85
N PRO A 60 14.27 -23.79 31.41
CA PRO A 60 14.05 -22.39 31.02
C PRO A 60 14.28 -22.14 29.54
N GLU A 61 13.40 -21.34 28.94
CA GLU A 61 13.48 -21.01 27.52
C GLU A 61 13.63 -19.51 27.30
N LYS A 62 13.88 -18.79 28.39
CA LYS A 62 14.14 -17.35 28.36
C LYS A 62 15.49 -17.02 27.69
N LYS A 63 15.96 -15.80 27.89
CA LYS A 63 17.24 -15.34 27.33
C LYS A 63 18.39 -16.23 27.82
N GLY A 64 18.91 -17.05 26.92
CA GLY A 64 19.96 -18.01 27.25
C GLY A 64 19.44 -19.38 27.65
N GLY A 65 18.20 -19.68 27.26
CA GLY A 65 17.57 -20.95 27.58
C GLY A 65 18.10 -22.10 26.75
N LEU A 66 17.44 -23.24 26.87
CA LEU A 66 17.92 -24.49 26.27
C LEU A 66 17.72 -24.53 24.75
N LYS A 67 16.65 -23.90 24.29
CA LYS A 67 16.35 -23.80 22.86
C LYS A 67 17.46 -23.03 22.15
N GLU A 68 17.85 -21.90 22.75
CA GLU A 68 18.96 -21.08 22.28
C GLU A 68 20.26 -21.89 22.20
N LEU A 69 20.61 -22.56 23.28
CA LEU A 69 21.88 -23.26 23.40
C LEU A 69 22.03 -24.44 22.44
N PHE A 70 20.93 -25.12 22.14
CA PHE A 70 20.98 -26.25 21.22
C PHE A 70 21.19 -25.80 19.76
N GLY A 71 20.79 -24.57 19.46
CA GLY A 71 21.03 -24.00 18.13
C GLY A 71 22.50 -23.63 18.02
N LYS A 72 23.02 -23.03 19.09
CA LYS A 72 24.41 -22.58 19.19
C LYS A 72 25.44 -23.68 18.91
N GLY A 73 25.10 -24.93 19.25
CA GLY A 73 25.96 -26.08 18.99
C GLY A 73 27.04 -26.31 20.03
N PRO A 74 27.81 -27.41 19.90
CA PRO A 74 27.57 -28.49 18.93
C PRO A 74 26.52 -29.49 19.42
N GLN A 75 25.86 -30.17 18.48
CA GLN A 75 24.73 -31.06 18.79
C GLN A 75 25.14 -32.38 19.43
N ASN A 76 26.42 -32.71 19.31
CA ASN A 76 26.98 -33.91 19.93
C ASN A 76 27.31 -33.68 21.41
N ALA A 77 27.29 -32.42 21.84
CA ALA A 77 27.65 -32.04 23.21
C ALA A 77 26.46 -31.97 24.18
N PHE A 78 25.25 -32.21 23.67
CA PHE A 78 24.03 -32.05 24.45
C PHE A 78 23.45 -33.38 24.90
N PHE A 79 23.21 -33.50 26.21
CA PHE A 79 22.81 -34.78 26.80
C PHE A 79 21.64 -34.65 27.77
N LEU A 80 20.77 -35.65 27.72
CA LEU A 80 19.74 -35.83 28.74
C LEU A 80 20.09 -37.01 29.62
N VAL A 81 20.17 -36.73 30.92
CA VAL A 81 20.46 -37.76 31.92
C VAL A 81 19.22 -37.98 32.79
N LYS A 82 18.77 -39.23 32.83
CA LYS A 82 17.68 -39.62 33.72
C LYS A 82 18.30 -40.31 34.94
N PHE A 83 18.08 -39.71 36.13
CA PHE A 83 18.56 -40.26 37.41
C PHE A 83 17.48 -41.01 38.16
N TRP A 84 17.82 -42.18 38.68
CA TRP A 84 17.04 -42.81 39.74
C TRP A 84 17.77 -42.54 41.05
N ALA A 85 17.28 -41.54 41.79
CA ALA A 85 17.91 -41.08 43.03
C ALA A 85 17.72 -42.03 44.21
N ASP A 86 18.77 -42.20 45.00
CA ASP A 86 18.68 -43.00 46.22
C ASP A 86 18.35 -42.08 47.39
N LEU A 87 17.09 -42.12 47.83
CA LEU A 87 16.66 -41.30 48.96
C LEU A 87 16.58 -42.11 50.25
N ASN A 88 17.18 -43.29 50.26
CA ASN A 88 17.12 -44.16 51.42
C ASN A 88 18.19 -43.84 52.47
N CYS A 89 17.98 -42.75 53.20
CA CYS A 89 18.87 -42.38 54.31
C CYS A 89 18.08 -41.62 55.37
N ASN A 90 18.64 -41.54 56.58
CA ASN A 90 17.94 -40.92 57.70
C ASN A 90 17.78 -39.39 57.59
N ILE A 91 18.85 -38.66 57.88
CA ILE A 91 18.84 -37.20 58.10
C ILE A 91 18.94 -36.89 59.60
N ALA A 95 22.15 -31.54 63.10
CA ALA A 95 23.44 -32.02 63.59
C ALA A 95 24.58 -31.60 62.66
N GLY A 96 25.53 -32.51 62.42
CA GLY A 96 26.64 -32.26 61.51
C GLY A 96 26.38 -32.88 60.15
N ALA A 97 25.44 -32.29 59.42
CA ALA A 97 25.08 -32.76 58.09
C ALA A 97 25.58 -31.81 57.02
N PHE A 98 26.25 -32.36 56.01
CA PHE A 98 26.70 -31.56 54.90
C PHE A 98 26.14 -32.08 53.58
N TYR A 99 25.43 -31.19 52.87
CA TYR A 99 24.87 -31.51 51.57
C TYR A 99 25.79 -30.99 50.47
N GLY A 100 26.32 -31.92 49.68
CA GLY A 100 27.32 -31.57 48.70
C GLY A 100 27.15 -32.16 47.32
N VAL A 101 27.95 -31.64 46.39
CA VAL A 101 28.06 -32.14 45.04
C VAL A 101 29.54 -32.10 44.63
N THR A 102 30.03 -33.22 44.11
CA THR A 102 31.37 -33.31 43.54
C THR A 102 31.27 -33.55 42.04
N SER A 103 32.16 -32.92 41.28
CA SER A 103 32.22 -33.09 39.82
C SER A 103 33.65 -33.06 39.32
N GLN A 104 33.88 -33.72 38.19
CA GLN A 104 35.20 -33.76 37.57
C GLN A 104 35.09 -33.86 36.03
N TYR A 105 35.84 -33.00 35.35
CA TYR A 105 35.93 -33.02 33.89
C TYR A 105 37.39 -33.14 33.45
N GLU A 106 37.63 -33.95 32.42
CA GLU A 106 38.97 -34.11 31.85
C GLU A 106 39.05 -33.68 30.39
N SER A 107 40.09 -32.91 30.06
CA SER A 107 40.32 -32.41 28.71
C SER A 107 41.76 -32.68 28.25
N SER A 108 41.97 -32.71 26.94
CA SER A 108 43.32 -32.82 26.38
C SER A 108 43.94 -31.44 26.17
N GLU A 109 43.10 -30.40 26.23
CA GLU A 109 43.54 -29.02 26.08
C GLU A 109 43.16 -28.19 27.31
N ASN A 110 44.08 -27.31 27.72
CA ASN A 110 43.86 -26.41 28.86
C ASN A 110 42.77 -25.39 28.55
N MET A 111 42.02 -24.98 29.58
CA MET A 111 40.94 -23.98 29.45
C MET A 111 40.62 -23.29 30.79
N THR A 112 39.94 -22.14 30.73
CA THR A 112 39.28 -21.57 31.91
C THR A 112 37.79 -21.86 31.82
N VAL A 113 37.37 -22.90 32.53
CA VAL A 113 36.01 -23.43 32.45
C VAL A 113 35.03 -22.71 33.39
N THR A 114 33.80 -22.50 32.90
CA THR A 114 32.67 -21.98 33.70
C THR A 114 31.58 -23.04 33.77
N CYS A 115 31.09 -23.29 34.98
CA CYS A 115 30.04 -24.29 35.20
CA CYS A 115 30.03 -24.29 35.21
C CYS A 115 28.76 -23.66 35.71
N SER A 116 27.66 -23.91 35.00
CA SER A 116 26.35 -23.40 35.37
C SER A 116 25.41 -24.53 35.81
N THR A 117 24.90 -24.43 37.03
CA THR A 117 23.86 -25.34 37.50
C THR A 117 22.59 -24.57 37.84
N LYS A 118 21.54 -24.87 37.08
CA LYS A 118 20.22 -24.30 37.30
C LYS A 118 19.24 -25.33 37.87
N VAL A 119 18.71 -25.02 39.06
CA VAL A 119 17.64 -25.80 39.68
C VAL A 119 16.31 -25.23 39.18
N CYS A 120 15.49 -26.09 38.55
CA CYS A 120 14.27 -25.62 37.88
C CYS A 120 13.00 -26.31 38.37
N SER A 121 11.96 -25.50 38.58
CA SER A 121 10.64 -26.00 38.96
C SER A 121 9.60 -25.57 37.92
N PHE A 122 8.90 -26.56 37.35
CA PHE A 122 7.93 -26.33 36.27
C PHE A 122 8.54 -25.58 35.08
N GLY A 123 9.83 -25.79 34.86
CA GLY A 123 10.55 -25.11 33.80
C GLY A 123 11.09 -23.75 34.18
N LYS A 124 10.62 -23.20 35.31
CA LYS A 124 11.10 -21.91 35.78
C LYS A 124 12.38 -22.08 36.59
N GLN A 125 13.39 -21.28 36.26
CA GLN A 125 14.65 -21.26 36.99
C GLN A 125 14.36 -20.80 38.42
N VAL A 126 14.76 -21.62 39.39
CA VAL A 126 14.60 -21.27 40.81
C VAL A 126 15.88 -20.67 41.37
N VAL A 127 17.01 -21.37 41.19
CA VAL A 127 18.32 -20.88 41.64
C VAL A 127 19.38 -21.24 40.60
N GLU A 128 20.25 -20.29 40.28
CA GLU A 128 21.45 -20.59 39.50
C GLU A 128 22.68 -20.55 40.39
N LYS A 129 23.48 -21.60 40.30
CA LYS A 129 24.79 -21.67 40.96
C LYS A 129 25.84 -21.64 39.86
N VAL A 130 26.64 -20.58 39.86
CA VAL A 130 27.69 -20.40 38.85
C VAL A 130 29.08 -20.48 39.48
N GLU A 131 29.96 -21.24 38.84
CA GLU A 131 31.30 -21.51 39.35
C GLU A 131 32.37 -21.44 38.28
N THR A 132 33.49 -20.79 38.61
CA THR A 132 34.65 -20.67 37.71
C THR A 132 35.79 -21.51 38.26
N GLU A 133 36.35 -22.37 37.43
CA GLU A 133 37.45 -23.23 37.87
C GLU A 133 38.48 -23.52 36.79
N TYR A 134 39.75 -23.55 37.21
CA TYR A 134 40.88 -23.75 36.30
C TYR A 134 41.37 -25.19 36.31
N ALA A 135 42.18 -25.54 35.32
CA ALA A 135 42.71 -26.89 35.19
C ALA A 135 43.94 -27.13 36.06
N ARG A 136 44.29 -28.40 36.20
CA ARG A 136 45.56 -28.83 36.78
C ARG A 136 46.02 -29.99 35.92
N PHE A 137 47.30 -29.97 35.54
CA PHE A 137 47.87 -31.00 34.69
C PHE A 137 47.99 -32.31 35.46
N GLU A 138 47.43 -33.38 34.89
CA GLU A 138 47.47 -34.72 35.48
C GLU A 138 47.53 -35.80 34.40
N ASN A 139 48.57 -36.63 34.45
CA ASN A 139 48.75 -37.76 33.53
C ASN A 139 48.51 -37.43 32.05
N GLY A 140 49.05 -36.30 31.61
CA GLY A 140 48.92 -35.85 30.22
C GLY A 140 47.55 -35.33 29.86
N ARG A 141 46.78 -34.92 30.86
CA ARG A 141 45.43 -34.38 30.66
C ARG A 141 45.23 -33.14 31.52
N PHE A 142 44.12 -32.44 31.30
CA PHE A 142 43.77 -31.29 32.11
C PHE A 142 42.47 -31.53 32.90
N VAL A 143 42.61 -31.55 34.22
CA VAL A 143 41.51 -31.92 35.11
C VAL A 143 40.88 -30.69 35.76
N TYR A 144 39.55 -30.68 35.78
CA TYR A 144 38.78 -29.64 36.45
C TYR A 144 37.94 -30.34 37.51
N ARG A 145 38.03 -29.88 38.76
CA ARG A 145 37.35 -30.55 39.87
C ARG A 145 36.73 -29.60 40.89
N ILE A 146 35.42 -29.69 41.00
CA ILE A 146 34.69 -29.07 42.10
C ILE A 146 34.58 -30.11 43.21
N ASN A 147 35.12 -29.78 44.37
CA ASN A 147 35.13 -30.68 45.51
C ASN A 147 34.18 -30.13 46.57
N ARG A 148 33.23 -30.97 46.99
CA ARG A 148 32.29 -30.62 48.06
C ARG A 148 31.64 -29.25 47.91
N SER A 149 31.04 -29.02 46.74
CA SER A 149 30.29 -27.80 46.48
C SER A 149 28.98 -27.85 47.26
N PRO A 150 28.72 -26.84 48.11
CA PRO A 150 27.53 -26.86 48.97
C PRO A 150 26.25 -26.84 48.15
N MET A 151 25.30 -27.70 48.51
CA MET A 151 23.95 -27.59 47.98
C MET A 151 23.33 -26.34 48.57
N CYS A 152 22.67 -25.56 47.72
CA CYS A 152 21.95 -24.38 48.19
C CYS A 152 20.78 -24.83 49.06
N GLU A 153 20.29 -23.93 49.90
CA GLU A 153 19.29 -24.28 50.90
C GLU A 153 17.95 -24.75 50.33
N TYR A 154 17.58 -24.22 49.17
CA TYR A 154 16.37 -24.68 48.48
C TYR A 154 16.44 -26.18 48.24
N MET A 155 17.60 -26.66 47.81
CA MET A 155 17.80 -28.06 47.50
C MET A 155 17.74 -28.94 48.74
N ILE A 156 18.38 -28.49 49.81
CA ILE A 156 18.30 -29.19 51.09
C ILE A 156 16.86 -29.25 51.58
N ASN A 157 16.16 -28.12 51.53
CA ASN A 157 14.75 -28.06 51.90
C ASN A 157 13.88 -28.96 50.99
N PHE A 158 14.25 -29.05 49.72
CA PHE A 158 13.51 -29.86 48.74
C PHE A 158 13.66 -31.35 49.04
N ILE A 159 14.90 -31.78 49.28
CA ILE A 159 15.18 -33.18 49.63
C ILE A 159 14.42 -33.59 50.89
N HIS A 160 14.37 -32.68 51.86
CA HIS A 160 13.68 -32.90 53.12
C HIS A 160 12.19 -33.16 52.94
N LYS A 161 11.55 -32.34 52.10
CA LYS A 161 10.11 -32.45 51.86
C LYS A 161 9.72 -33.69 51.04
N LEU A 162 10.61 -34.11 50.14
CA LEU A 162 10.42 -35.38 49.43
C LEU A 162 10.41 -36.54 50.41
N LYS A 163 11.23 -36.42 51.47
CA LYS A 163 11.37 -37.46 52.50
C LYS A 163 10.14 -37.56 53.41
N HIS A 164 9.53 -36.42 53.72
CA HIS A 164 8.31 -36.39 54.52
C HIS A 164 7.13 -37.05 53.80
N LEU A 165 7.21 -37.12 52.48
CA LEU A 165 6.22 -37.83 51.67
C LEU A 165 6.18 -39.31 52.02
N PRO A 166 4.97 -39.83 52.28
CA PRO A 166 4.77 -41.20 52.75
C PRO A 166 5.18 -42.25 51.72
N GLU A 167 4.92 -41.97 50.45
CA GLU A 167 4.99 -42.99 49.41
C GLU A 167 5.99 -42.68 48.31
N LYS A 168 6.67 -43.72 47.84
CA LYS A 168 7.69 -43.56 46.82
C LYS A 168 7.12 -43.67 45.41
N TYR A 169 5.90 -43.15 45.24
CA TYR A 169 5.30 -42.91 43.94
C TYR A 169 4.82 -41.47 43.91
N MET A 170 4.52 -40.93 45.10
CA MET A 170 4.24 -39.52 45.30
C MET A 170 5.49 -38.70 44.97
N MET A 171 6.65 -39.22 45.38
CA MET A 171 7.94 -38.60 45.11
C MET A 171 8.13 -38.44 43.60
N ASN A 172 7.89 -39.52 42.85
CA ASN A 172 7.95 -39.53 41.40
C ASN A 172 7.04 -38.52 40.72
N SER A 173 5.79 -38.41 41.17
CA SER A 173 4.84 -37.44 40.63
CA SER A 173 4.86 -37.45 40.59
C SER A 173 5.36 -36.01 40.82
N VAL A 174 5.90 -35.74 42.00
CA VAL A 174 6.51 -34.43 42.31
C VAL A 174 7.77 -34.14 41.47
N LEU A 175 8.64 -35.15 41.33
CA LEU A 175 9.91 -34.99 40.62
C LEU A 175 9.74 -34.80 39.11
N GLU A 176 8.52 -35.07 38.64
CA GLU A 176 8.18 -34.94 37.23
C GLU A 176 8.37 -33.50 36.78
N ASN A 177 8.25 -32.55 37.71
CA ASN A 177 8.29 -31.13 37.39
C ASN A 177 9.53 -30.41 37.89
N PHE A 178 10.50 -31.20 38.35
CA PHE A 178 11.76 -30.72 38.88
C PHE A 178 12.91 -31.23 38.02
N THR A 179 13.73 -30.30 37.52
CA THR A 179 14.86 -30.63 36.66
C THR A 179 16.10 -29.82 37.04
N ILE A 180 17.27 -30.36 36.70
CA ILE A 180 18.55 -29.68 36.90
C ILE A 180 19.15 -29.46 35.51
N LEU A 181 19.58 -28.23 35.25
CA LEU A 181 20.33 -27.97 34.03
C LEU A 181 21.79 -27.61 34.33
N LEU A 182 22.67 -28.39 33.73
CA LEU A 182 24.10 -28.28 33.93
C LEU A 182 24.76 -27.92 32.61
N VAL A 183 25.50 -26.80 32.61
CA VAL A 183 26.14 -26.27 31.41
C VAL A 183 27.59 -25.86 31.67
N VAL A 184 28.51 -26.41 30.88
CA VAL A 184 29.95 -26.10 31.00
C VAL A 184 30.45 -25.23 29.83
N THR A 185 30.89 -24.02 30.17
CA THR A 185 31.34 -23.03 29.21
C THR A 185 32.87 -22.82 29.23
N ASN A 186 33.46 -22.62 28.05
CA ASN A 186 34.83 -22.11 27.92
C ASN A 186 34.80 -20.58 28.08
N ARG A 187 35.19 -20.08 29.25
CA ARG A 187 34.96 -18.66 29.58
C ARG A 187 35.51 -17.64 28.58
N ASP A 188 36.60 -17.99 27.91
CA ASP A 188 37.21 -17.08 26.92
C ASP A 188 36.42 -17.07 25.61
N THR A 189 36.21 -18.25 25.03
CA THR A 189 35.45 -18.41 23.78
C THR A 189 33.96 -18.11 23.95
N GLN A 190 33.39 -18.59 25.07
CA GLN A 190 31.94 -18.62 25.31
C GLN A 190 31.29 -19.83 24.63
N GLU A 191 32.12 -20.83 24.34
CA GLU A 191 31.69 -22.08 23.71
C GLU A 191 31.21 -23.10 24.74
N THR A 192 30.12 -23.81 24.40
CA THR A 192 29.60 -24.87 25.25
C THR A 192 30.29 -26.20 24.93
N LEU A 193 30.93 -26.77 25.95
CA LEU A 193 31.68 -28.02 25.82
C LEU A 193 30.83 -29.18 26.28
N LEU A 194 29.95 -28.89 27.24
CA LEU A 194 29.01 -29.86 27.79
C LEU A 194 27.74 -29.22 28.31
N CYS A 195 26.62 -29.81 27.92
CA CYS A 195 25.33 -29.49 28.49
C CYS A 195 24.66 -30.78 28.92
N MET A 196 24.18 -30.77 30.16
CA MET A 196 23.46 -31.91 30.72
C MET A 196 22.11 -31.46 31.24
N ALA A 197 21.07 -32.03 30.65
CA ALA A 197 19.71 -31.77 31.09
C ALA A 197 19.25 -32.94 31.94
N CYS A 198 18.98 -32.68 33.21
CA CYS A 198 18.76 -33.77 34.16
C CYS A 198 17.31 -33.95 34.59
N VAL A 199 16.79 -35.16 34.37
CA VAL A 199 15.45 -35.56 34.76
C VAL A 199 15.52 -36.63 35.87
N PHE A 200 14.46 -36.75 36.67
CA PHE A 200 14.57 -37.36 37.99
C PHE A 200 13.44 -38.29 38.40
N GLU A 201 13.82 -39.44 38.95
CA GLU A 201 12.93 -40.36 39.62
C GLU A 201 13.62 -40.92 40.86
N VAL A 202 12.84 -41.54 41.76
CA VAL A 202 13.41 -42.25 42.91
C VAL A 202 13.66 -43.72 42.54
N SER A 203 14.80 -44.24 43.00
CA SER A 203 15.21 -45.61 42.75
C SER A 203 14.29 -46.64 43.40
N ASN A 204 13.98 -47.69 42.64
CA ASN A 204 13.24 -48.86 43.15
C ASN A 204 14.19 -50.02 43.44
N SER A 205 15.43 -49.88 42.99
CA SER A 205 16.41 -50.95 43.02
C SER A 205 17.09 -51.15 44.37
N GLU A 206 17.47 -52.40 44.64
CA GLU A 206 18.31 -52.76 45.79
C GLU A 206 19.77 -52.37 45.53
N HIS A 207 20.10 -52.12 44.26
CA HIS A 207 21.45 -51.71 43.86
C HIS A 207 21.73 -50.22 44.10
N GLY A 208 20.66 -49.45 44.37
CA GLY A 208 20.80 -48.04 44.74
C GLY A 208 20.56 -47.07 43.60
N ALA A 209 21.37 -46.01 43.54
CA ALA A 209 21.23 -44.95 42.56
C ALA A 209 21.64 -45.41 41.16
N GLN A 210 20.84 -45.03 40.17
CA GLN A 210 21.15 -45.38 38.78
C GLN A 210 20.96 -44.21 37.82
N HIS A 211 21.38 -44.38 36.57
CA HIS A 211 21.23 -43.36 35.55
C HIS A 211 21.19 -43.89 34.11
N HIS A 212 20.44 -43.18 33.27
CA HIS A 212 20.44 -43.41 31.84
C HIS A 212 20.99 -42.16 31.17
N ILE A 213 21.84 -42.38 30.18
CA ILE A 213 22.36 -41.28 29.37
C ILE A 213 21.76 -41.35 27.97
N HIS A 214 21.15 -40.25 27.53
CA HIS A 214 20.68 -40.09 26.16
C HIS A 214 21.25 -38.79 25.62
N ARG A 215 21.64 -38.77 24.35
CA ARG A 215 21.95 -37.48 23.74
C ARG A 215 20.70 -36.80 23.20
N LEU A 216 20.67 -35.48 23.28
CA LEU A 216 19.57 -34.68 22.78
C LEU A 216 19.76 -34.43 21.29
N VAL A 217 18.65 -34.30 20.57
CA VAL A 217 18.66 -33.98 19.12
C VAL A 217 17.43 -33.17 18.68
N LYS A 218 17.43 -32.79 17.40
CA LYS A 218 16.27 -32.23 16.68
C LYS A 218 15.85 -30.83 17.12
N ASP B 5 4.78 -22.17 43.64
CA ASP B 5 5.61 -22.29 44.87
C ASP B 5 5.99 -23.76 45.12
N LEU B 6 6.74 -23.99 46.20
CA LEU B 6 7.22 -25.32 46.56
C LEU B 6 6.08 -26.25 46.99
N GLU B 7 5.43 -25.93 48.11
CA GLU B 7 4.43 -26.82 48.73
C GLU B 7 3.26 -27.16 47.82
N ALA B 8 2.85 -26.22 46.96
CA ALA B 8 1.77 -26.45 45.99
C ALA B 8 2.02 -27.72 45.19
N LEU B 9 3.28 -27.92 44.79
CA LEU B 9 3.73 -29.11 44.08
C LEU B 9 3.50 -30.36 44.93
N PHE B 10 3.84 -30.26 46.22
CA PHE B 10 3.70 -31.37 47.15
C PHE B 10 2.25 -31.62 47.58
N ASN B 11 1.53 -30.54 47.88
CA ASN B 11 0.13 -30.62 48.24
C ASN B 11 -0.69 -31.30 47.14
N ALA B 12 -0.36 -31.00 45.88
CA ALA B 12 -0.99 -31.62 44.71
C ALA B 12 -1.03 -33.13 44.79
N VAL B 13 0.09 -33.75 45.16
CA VAL B 13 0.18 -35.20 45.22
C VAL B 13 -0.43 -35.80 46.50
N MET B 14 -0.38 -35.02 47.58
CA MET B 14 -0.96 -35.43 48.87
CA MET B 14 -0.96 -35.44 48.87
C MET B 14 -2.48 -35.37 48.84
N ASN B 15 -3.02 -34.25 48.36
CA ASN B 15 -4.47 -34.06 48.28
C ASN B 15 -4.94 -33.65 46.89
N PRO B 16 -5.42 -34.63 46.11
CA PRO B 16 -5.89 -34.45 44.72
C PRO B 16 -7.05 -33.47 44.54
N LYS B 17 -7.89 -33.34 45.57
CA LYS B 17 -9.09 -32.51 45.51
C LYS B 17 -8.78 -31.02 45.33
N THR B 18 -8.00 -30.47 46.26
CA THR B 18 -7.67 -29.04 46.27
C THR B 18 -6.39 -28.72 45.51
N ALA B 19 -6.04 -29.59 44.56
CA ALA B 19 -4.83 -29.43 43.75
C ALA B 19 -4.88 -28.17 42.90
N ASN B 20 -3.84 -27.34 43.03
CA ASN B 20 -3.71 -26.10 42.26
C ASN B 20 -2.36 -26.02 41.58
N VAL B 21 -2.26 -26.66 40.40
CA VAL B 21 -1.00 -26.80 39.67
C VAL B 21 -1.22 -26.68 38.16
N PRO B 22 -0.22 -26.13 37.43
CA PRO B 22 -0.30 -26.06 35.98
C PRO B 22 -0.40 -27.46 35.37
N GLN B 23 -1.43 -27.68 34.57
CA GLN B 23 -1.59 -28.97 33.90
C GLN B 23 -0.56 -29.11 32.80
N THR B 24 0.12 -30.26 32.79
CA THR B 24 1.16 -30.54 31.81
C THR B 24 0.99 -31.94 31.25
N VAL B 25 1.70 -32.21 30.15
CA VAL B 25 1.67 -33.52 29.52
C VAL B 25 2.62 -34.45 30.27
N PRO B 26 2.08 -35.55 30.84
CA PRO B 26 2.93 -36.48 31.57
C PRO B 26 4.10 -36.93 30.69
N MET B 27 5.27 -37.14 31.30
CA MET B 27 6.44 -37.67 30.61
C MET B 27 6.14 -38.99 29.90
N ARG B 28 5.35 -39.85 30.54
CA ARG B 28 5.02 -41.18 30.01
C ARG B 28 4.17 -41.13 28.73
N LEU B 29 3.63 -39.95 28.42
CA LEU B 29 2.77 -39.76 27.25
C LEU B 29 3.42 -38.94 26.15
N ARG B 30 4.73 -38.72 26.25
CA ARG B 30 5.45 -37.97 25.24
C ARG B 30 6.16 -38.90 24.25
N LYS B 31 6.71 -38.31 23.18
CA LYS B 31 7.49 -39.06 22.21
C LYS B 31 8.90 -39.29 22.75
N LEU B 32 9.03 -40.33 23.58
CA LEU B 32 10.29 -40.66 24.22
C LEU B 32 10.56 -42.16 24.09
N PRO B 33 11.85 -42.53 24.00
CA PRO B 33 12.28 -43.94 23.89
C PRO B 33 11.66 -44.83 24.95
N ASP B 34 11.50 -46.11 24.61
CA ASP B 34 10.94 -47.11 25.53
C ASP B 34 11.86 -47.36 26.73
N SER B 35 13.16 -47.20 26.50
CA SER B 35 14.17 -47.40 27.53
C SER B 35 14.25 -46.22 28.49
N PHE B 36 13.50 -45.16 28.21
CA PHE B 36 13.50 -43.96 29.05
C PHE B 36 12.80 -44.16 30.40
N PHE B 37 11.91 -45.15 30.48
CA PHE B 37 11.16 -45.41 31.71
C PHE B 37 11.52 -46.75 32.34
N LYS B 38 12.35 -47.52 31.64
CA LYS B 38 12.83 -48.81 32.13
C LYS B 38 14.11 -48.62 32.97
N PRO B 39 14.05 -48.90 34.29
CA PRO B 39 15.21 -48.70 35.17
C PRO B 39 16.27 -49.81 35.06
N ILE C 4 -8.21 13.51 4.07
CA ILE C 4 -9.33 12.91 3.29
C ILE C 4 -9.65 11.52 3.83
N GLY C 5 -10.92 11.30 4.17
CA GLY C 5 -11.39 9.96 4.51
C GLY C 5 -12.33 9.89 5.69
N THR C 6 -12.85 8.68 5.93
CA THR C 6 -13.72 8.41 7.08
C THR C 6 -12.92 7.82 8.26
N THR C 7 -13.63 7.30 9.24
CA THR C 7 -13.00 6.60 10.36
C THR C 7 -12.66 5.15 10.01
N LYS C 8 -12.99 4.74 8.79
CA LYS C 8 -12.69 3.40 8.30
C LYS C 8 -11.43 3.36 7.45
N LEU C 9 -11.25 4.37 6.61
CA LEU C 9 -10.09 4.47 5.73
C LEU C 9 -9.77 5.92 5.41
N ARG C 10 -8.48 6.24 5.34
CA ARG C 10 -8.01 7.57 5.03
C ARG C 10 -6.93 7.51 3.96
N LEU C 11 -7.01 8.40 2.97
CA LEU C 11 -5.89 8.64 2.06
C LEU C 11 -4.86 9.49 2.77
N VAL C 12 -3.61 9.05 2.70
CA VAL C 12 -2.51 9.70 3.39
C VAL C 12 -1.54 10.35 2.40
N GLU C 13 -1.41 9.73 1.23
CA GLU C 13 -0.46 10.20 0.22
C GLU C 13 -0.88 9.77 -1.18
N PHE C 14 -0.92 10.74 -2.09
CA PHE C 14 -1.17 10.49 -3.51
C PHE C 14 -0.23 11.35 -4.29
N SER C 15 0.40 10.77 -5.29
CA SER C 15 1.42 11.46 -6.08
C SER C 15 1.56 10.80 -7.45
N ALA C 16 1.46 11.60 -8.50
CA ALA C 16 1.74 11.13 -9.87
C ALA C 16 3.02 11.78 -10.35
N PHE C 17 3.87 10.99 -11.00
CA PHE C 17 5.23 11.43 -11.31
C PHE C 17 5.83 10.89 -12.60
N LEU C 18 6.83 11.62 -13.10
CA LEU C 18 7.72 11.14 -14.12
C LEU C 18 9.10 11.06 -13.50
N GLU C 19 9.72 9.89 -13.59
CA GLU C 19 11.06 9.69 -13.08
C GLU C 19 12.01 9.45 -14.22
N GLN C 20 13.10 10.22 -14.22
CA GLN C 20 14.08 10.17 -15.28
CA GLN C 20 14.09 10.20 -15.27
C GLN C 20 15.44 9.70 -14.74
N GLN C 21 16.00 8.70 -15.42
CA GLN C 21 17.28 8.11 -15.03
C GLN C 21 18.41 8.55 -15.97
N ARG C 22 19.36 9.29 -15.42
CA ARG C 22 20.54 9.70 -16.18
C ARG C 22 21.51 8.52 -16.28
N ASP C 23 22.12 8.16 -15.15
CA ASP C 23 22.93 6.94 -15.04
C ASP C 23 22.23 6.00 -14.04
N PRO C 24 22.78 4.78 -13.79
CA PRO C 24 22.09 3.90 -12.84
C PRO C 24 22.08 4.40 -11.39
N ASP C 25 22.79 5.49 -11.11
CA ASP C 25 22.88 6.06 -9.76
C ASP C 25 22.27 7.45 -9.62
N SER C 26 21.66 7.96 -10.70
CA SER C 26 21.14 9.32 -10.74
C SER C 26 19.74 9.39 -11.31
N TYR C 27 18.80 9.86 -10.48
CA TYR C 27 17.39 9.92 -10.82
C TYR C 27 16.83 11.31 -10.57
N ASN C 28 16.15 11.85 -11.58
CA ASN C 28 15.37 13.06 -11.42
C ASN C 28 13.90 12.68 -11.40
N LYS C 29 13.13 13.36 -10.55
CA LYS C 29 11.72 13.07 -10.34
C LYS C 29 10.88 14.32 -10.37
N HIS C 30 9.88 14.33 -11.25
CA HIS C 30 8.95 15.44 -11.33
C HIS C 30 7.54 15.01 -10.96
N LEU C 31 6.93 15.74 -10.03
CA LEU C 31 5.56 15.49 -9.60
C LEU C 31 4.54 16.28 -10.44
N PHE C 32 3.56 15.58 -10.97
CA PHE C 32 2.46 16.20 -11.69
C PHE C 32 1.40 16.71 -10.72
N VAL C 33 1.09 15.88 -9.73
CA VAL C 33 0.14 16.20 -8.65
C VAL C 33 0.56 15.52 -7.36
N HIS C 34 0.11 16.06 -6.22
CA HIS C 34 0.41 15.43 -4.93
C HIS C 34 -0.52 15.85 -3.80
N ILE C 35 -0.83 14.89 -2.93
CA ILE C 35 -1.57 15.15 -1.70
C ILE C 35 -0.77 14.55 -0.54
N GLY C 36 -0.60 15.34 0.52
CA GLY C 36 0.02 14.86 1.76
C GLY C 36 1.51 15.15 1.83
N LEU C 46 -11.35 20.65 4.22
CA LEU C 46 -12.38 20.68 3.19
C LEU C 46 -12.82 22.11 2.87
N LEU C 47 -13.34 22.28 1.65
CA LEU C 47 -14.00 23.52 1.27
C LEU C 47 -15.50 23.26 1.19
N GLU C 48 -16.25 24.19 0.60
CA GLU C 48 -17.71 24.04 0.51
C GLU C 48 -18.09 22.79 -0.27
N SER C 49 -19.17 22.15 0.17
CA SER C 49 -19.63 20.90 -0.41
C SER C 49 -20.10 21.07 -1.85
N VAL C 50 -19.99 20.01 -2.63
CA VAL C 50 -20.38 20.04 -4.03
C VAL C 50 -21.56 19.11 -4.28
N ASP C 51 -22.56 19.63 -4.98
CA ASP C 51 -23.76 18.89 -5.38
C ASP C 51 -23.28 17.80 -6.32
N ILE C 52 -23.34 16.53 -5.91
CA ILE C 52 -22.85 15.46 -6.77
C ILE C 52 -23.54 15.48 -8.15
N ARG C 53 -24.83 15.79 -8.17
CA ARG C 53 -25.61 15.80 -9.41
C ARG C 53 -25.01 16.69 -10.51
N GLN C 54 -24.16 17.64 -10.10
CA GLN C 54 -23.53 18.58 -11.03
C GLN C 54 -22.35 17.94 -11.76
N ILE C 55 -21.84 16.84 -11.22
CA ILE C 55 -20.65 16.21 -11.80
C ILE C 55 -20.83 14.79 -12.37
N TYR C 56 -22.03 14.22 -12.25
CA TYR C 56 -22.32 12.86 -12.74
C TYR C 56 -21.90 12.64 -14.19
N ASP C 57 -22.23 13.59 -15.06
CA ASP C 57 -21.93 13.48 -16.50
C ASP C 57 -20.44 13.45 -16.82
N LYS C 58 -19.61 13.71 -15.81
CA LYS C 58 -18.16 13.72 -15.98
C LYS C 58 -17.48 12.39 -15.61
N PHE C 59 -18.27 11.48 -15.05
CA PHE C 59 -17.80 10.15 -14.66
C PHE C 59 -18.78 9.09 -15.20
N PRO C 60 -18.33 7.82 -15.30
CA PRO C 60 -19.17 6.79 -15.91
C PRO C 60 -20.40 6.49 -15.08
N GLU C 61 -21.53 6.33 -15.74
CA GLU C 61 -22.79 6.09 -15.05
C GLU C 61 -23.51 4.84 -15.59
N LYS C 62 -22.72 3.82 -15.92
CA LYS C 62 -23.26 2.53 -16.31
C LYS C 62 -23.40 1.66 -15.05
N LYS C 63 -23.13 0.36 -15.18
CA LYS C 63 -23.16 -0.53 -14.03
C LYS C 63 -21.89 -0.34 -13.20
N GLY C 64 -22.07 -0.16 -11.89
CA GLY C 64 -20.96 0.15 -11.00
C GLY C 64 -20.52 1.59 -11.10
N GLY C 65 -21.36 2.44 -11.70
CA GLY C 65 -21.05 3.85 -11.92
C GLY C 65 -21.19 4.73 -10.68
N LEU C 66 -20.75 5.97 -10.79
CA LEU C 66 -20.70 6.90 -9.66
C LEU C 66 -22.06 7.11 -8.98
N LYS C 67 -23.11 7.22 -9.78
CA LYS C 67 -24.49 7.37 -9.27
C LYS C 67 -24.90 6.14 -8.46
N GLU C 68 -24.68 4.97 -9.05
CA GLU C 68 -24.95 3.68 -8.41
C GLU C 68 -24.15 3.53 -7.11
N LEU C 69 -22.87 3.85 -7.17
CA LEU C 69 -21.98 3.79 -5.99
C LEU C 69 -22.35 4.80 -4.92
N PHE C 70 -22.72 6.01 -5.32
CA PHE C 70 -23.09 7.03 -4.34
C PHE C 70 -24.41 6.68 -3.67
N GLY C 71 -25.31 6.09 -4.45
CA GLY C 71 -26.64 5.68 -3.95
C GLY C 71 -26.53 4.59 -2.91
N LYS C 72 -25.65 3.63 -3.16
CA LYS C 72 -25.36 2.51 -2.26
C LYS C 72 -24.74 2.97 -0.93
N GLY C 73 -23.95 4.03 -0.99
CA GLY C 73 -23.34 4.60 0.21
C GLY C 73 -22.09 3.85 0.64
N PRO C 74 -21.51 4.23 1.80
CA PRO C 74 -21.97 5.35 2.64
C PRO C 74 -21.69 6.67 1.96
N GLN C 75 -22.52 7.67 2.24
CA GLN C 75 -22.42 8.95 1.53
C GLN C 75 -21.27 9.84 2.03
N ASN C 76 -20.73 9.53 3.21
CA ASN C 76 -19.59 10.28 3.77
C ASN C 76 -18.20 9.81 3.25
N ALA C 77 -18.22 8.82 2.35
CA ALA C 77 -16.98 8.31 1.76
C ALA C 77 -16.57 9.02 0.45
N PHE C 78 -17.45 9.87 -0.09
CA PHE C 78 -17.29 10.48 -1.42
C PHE C 78 -16.78 11.93 -1.40
N PHE C 79 -15.70 12.18 -2.15
CA PHE C 79 -15.01 13.47 -2.22
C PHE C 79 -14.69 13.86 -3.66
N LEU C 80 -14.84 15.15 -3.97
CA LEU C 80 -14.39 15.69 -5.25
C LEU C 80 -13.06 16.39 -5.05
N VAL C 81 -12.06 15.98 -5.82
CA VAL C 81 -10.73 16.59 -5.74
C VAL C 81 -10.43 17.27 -7.07
N LYS C 82 -10.10 18.55 -6.98
CA LYS C 82 -9.62 19.29 -8.13
C LYS C 82 -8.09 19.34 -8.04
N PHE C 83 -7.42 19.03 -9.15
CA PHE C 83 -5.95 19.15 -9.22
C PHE C 83 -5.54 20.24 -10.19
N TRP C 84 -4.57 21.06 -9.79
CA TRP C 84 -3.88 22.00 -10.69
C TRP C 84 -2.55 21.36 -10.99
N ALA C 85 -2.46 20.74 -12.17
CA ALA C 85 -1.33 19.86 -12.50
C ALA C 85 -0.09 20.64 -12.91
N ASP C 86 1.05 20.22 -12.39
CA ASP C 86 2.33 20.80 -12.80
C ASP C 86 2.84 20.09 -14.05
N LEU C 87 2.87 20.81 -15.16
CA LEU C 87 3.45 20.27 -16.40
C LEU C 87 4.79 20.92 -16.78
N ASN C 88 5.43 21.61 -15.84
CA ASN C 88 6.73 22.19 -16.09
C ASN C 88 7.86 21.15 -15.97
N CYS C 89 7.97 20.29 -16.98
CA CYS C 89 9.07 19.33 -17.10
C CYS C 89 9.48 19.19 -18.56
N ASN C 90 10.74 18.85 -18.80
CA ASN C 90 11.28 18.81 -20.17
C ASN C 90 11.11 17.47 -20.91
N ILE C 91 10.93 16.39 -20.14
CA ILE C 91 10.70 15.04 -20.67
C ILE C 91 11.90 14.51 -21.48
N ALA C 95 15.66 7.55 -23.36
CA ALA C 95 15.80 8.01 -21.99
C ALA C 95 15.06 7.09 -21.00
N GLY C 96 15.62 6.99 -19.79
CA GLY C 96 15.03 6.18 -18.74
C GLY C 96 13.81 6.85 -18.15
N ALA C 97 12.66 6.66 -18.78
CA ALA C 97 11.43 7.34 -18.38
C ALA C 97 10.38 6.41 -17.78
N PHE C 98 10.11 6.58 -16.49
CA PHE C 98 9.01 5.90 -15.82
C PHE C 98 7.93 6.87 -15.34
N TYR C 99 6.73 6.71 -15.88
CA TYR C 99 5.56 7.47 -15.43
C TYR C 99 4.83 6.61 -14.42
N GLY C 100 4.70 7.11 -13.20
CA GLY C 100 4.12 6.33 -12.13
C GLY C 100 3.19 7.05 -11.18
N VAL C 101 2.45 6.25 -10.41
CA VAL C 101 1.53 6.73 -9.39
C VAL C 101 1.85 6.05 -8.06
N THR C 102 2.02 6.86 -7.02
CA THR C 102 2.19 6.36 -5.67
C THR C 102 0.94 6.71 -4.85
N SER C 103 0.49 5.79 -4.01
CA SER C 103 -0.67 6.03 -3.16
C SER C 103 -0.52 5.31 -1.83
N GLN C 104 -1.02 5.94 -0.77
CA GLN C 104 -0.97 5.36 0.56
C GLN C 104 -2.22 5.68 1.36
N TYR C 105 -2.84 4.62 1.87
CA TYR C 105 -4.01 4.69 2.74
C TYR C 105 -3.70 4.15 4.12
N GLU C 106 -4.50 4.55 5.10
CA GLU C 106 -4.37 4.07 6.46
C GLU C 106 -5.73 3.67 7.01
N SER C 107 -5.71 2.72 7.94
CA SER C 107 -6.91 2.24 8.60
C SER C 107 -6.53 1.66 9.95
N SER C 108 -7.48 1.65 10.87
CA SER C 108 -7.30 0.96 12.15
C SER C 108 -7.73 -0.49 12.01
N GLU C 109 -8.32 -0.84 10.87
CA GLU C 109 -8.85 -2.19 10.63
C GLU C 109 -8.05 -2.95 9.60
N ASN C 110 -7.69 -4.18 9.93
CA ASN C 110 -6.94 -5.04 9.03
C ASN C 110 -7.85 -5.58 7.93
N MET C 111 -7.85 -4.93 6.78
CA MET C 111 -8.75 -5.28 5.68
C MET C 111 -8.01 -5.82 4.47
N THR C 112 -8.73 -6.52 3.61
CA THR C 112 -8.27 -6.76 2.25
C THR C 112 -9.03 -5.81 1.35
N VAL C 113 -8.26 -5.01 0.62
CA VAL C 113 -8.74 -3.82 -0.05
C VAL C 113 -8.54 -3.92 -1.56
N THR C 114 -9.46 -3.35 -2.32
CA THR C 114 -9.34 -3.25 -3.78
C THR C 114 -9.33 -1.78 -4.20
N CYS C 115 -8.38 -1.41 -5.05
CA CYS C 115 -8.23 -0.03 -5.53
CA CYS C 115 -8.25 -0.03 -5.52
C CYS C 115 -8.43 0.05 -7.04
N SER C 116 -9.54 0.65 -7.45
CA SER C 116 -9.81 0.84 -8.85
C SER C 116 -9.55 2.28 -9.24
N THR C 117 -8.87 2.47 -10.37
CA THR C 117 -8.62 3.78 -10.96
C THR C 117 -9.18 3.77 -12.39
N LYS C 118 -10.24 4.54 -12.62
CA LYS C 118 -10.81 4.69 -13.95
C LYS C 118 -10.35 5.99 -14.60
N VAL C 119 -9.77 5.88 -15.79
CA VAL C 119 -9.38 7.05 -16.57
C VAL C 119 -10.48 7.35 -17.59
N CYS C 120 -11.05 8.55 -17.48
CA CYS C 120 -12.25 8.90 -18.24
C CYS C 120 -12.06 10.08 -19.21
N SER C 121 -12.91 10.10 -20.22
CA SER C 121 -12.94 11.17 -21.22
C SER C 121 -14.40 11.35 -21.63
N PHE C 122 -14.96 12.50 -21.27
CA PHE C 122 -16.39 12.81 -21.43
C PHE C 122 -17.28 11.88 -20.61
N GLY C 123 -16.75 11.45 -19.45
CA GLY C 123 -17.45 10.51 -18.60
C GLY C 123 -17.46 9.09 -19.14
N LYS C 124 -16.62 8.83 -20.14
CA LYS C 124 -16.42 7.48 -20.67
C LYS C 124 -15.16 6.88 -20.08
N GLN C 125 -15.25 5.64 -19.61
CA GLN C 125 -14.09 4.89 -19.12
C GLN C 125 -13.16 4.56 -20.30
N VAL C 126 -11.94 5.09 -20.27
CA VAL C 126 -10.95 4.75 -21.31
C VAL C 126 -10.11 3.55 -20.87
N VAL C 127 -9.64 3.58 -19.62
CA VAL C 127 -8.87 2.48 -19.02
C VAL C 127 -9.32 2.27 -17.57
N GLU C 128 -9.18 1.05 -17.08
CA GLU C 128 -9.31 0.79 -15.64
C GLU C 128 -8.08 0.05 -15.13
N LYS C 129 -7.44 0.63 -14.11
CA LYS C 129 -6.36 -0.02 -13.39
C LYS C 129 -6.94 -0.62 -12.12
N VAL C 130 -6.71 -1.90 -11.90
CA VAL C 130 -7.31 -2.59 -10.74
C VAL C 130 -6.25 -3.31 -9.91
N GLU C 131 -6.20 -2.99 -8.62
CA GLU C 131 -5.19 -3.53 -7.72
C GLU C 131 -5.78 -3.98 -6.39
N THR C 132 -5.49 -5.23 -6.03
CA THR C 132 -5.80 -5.76 -4.71
C THR C 132 -4.58 -5.50 -3.82
N GLU C 133 -4.81 -5.13 -2.57
CA GLU C 133 -3.70 -4.99 -1.61
C GLU C 133 -4.08 -5.30 -0.16
N TYR C 134 -3.14 -5.92 0.55
CA TYR C 134 -3.32 -6.29 1.95
C TYR C 134 -2.58 -5.29 2.85
N ALA C 135 -2.90 -5.30 4.13
CA ALA C 135 -2.33 -4.34 5.10
C ALA C 135 -0.97 -4.77 5.65
N ARG C 136 -0.16 -3.77 5.98
CA ARG C 136 1.01 -3.95 6.82
C ARG C 136 0.83 -3.15 8.10
N PHE C 137 1.00 -3.81 9.23
CA PHE C 137 0.92 -3.13 10.51
C PHE C 137 2.18 -2.27 10.74
N GLU C 138 1.95 -0.98 11.02
CA GLU C 138 3.02 0.03 11.17
C GLU C 138 2.60 1.06 12.21
N ASN C 139 3.41 1.20 13.26
CA ASN C 139 3.19 2.22 14.30
C ASN C 139 1.74 2.34 14.75
N GLY C 140 1.12 1.20 15.08
CA GLY C 140 -0.24 1.18 15.63
C GLY C 140 -1.38 1.35 14.64
N ARG C 141 -1.07 1.18 13.35
CA ARG C 141 -2.07 1.30 12.27
C ARG C 141 -1.79 0.32 11.16
N PHE C 142 -2.78 0.14 10.28
CA PHE C 142 -2.64 -0.70 9.08
C PHE C 142 -2.53 0.15 7.82
N VAL C 143 -1.45 -0.07 7.07
CA VAL C 143 -1.12 0.77 5.93
C VAL C 143 -1.21 0.00 4.61
N TYR C 144 -1.81 0.65 3.63
CA TYR C 144 -1.93 0.11 2.27
C TYR C 144 -1.18 1.05 1.32
N ARG C 145 0.05 0.70 0.98
CA ARG C 145 0.87 1.54 0.11
C ARG C 145 1.23 0.85 -1.19
N ILE C 146 0.87 1.49 -2.31
CA ILE C 146 1.33 1.05 -3.63
C ILE C 146 2.42 1.96 -4.14
N ASN C 147 3.57 1.35 -4.38
CA ASN C 147 4.73 2.05 -4.88
C ASN C 147 4.86 1.83 -6.38
N ARG C 148 5.10 2.93 -7.10
CA ARG C 148 5.47 2.89 -8.52
C ARG C 148 4.46 2.16 -9.41
N SER C 149 3.18 2.38 -9.17
CA SER C 149 2.17 1.85 -10.06
C SER C 149 2.32 2.51 -11.42
N PRO C 150 2.48 1.69 -12.49
CA PRO C 150 2.77 2.28 -13.80
C PRO C 150 1.57 2.96 -14.43
N MET C 151 1.76 4.20 -14.90
CA MET C 151 0.75 4.90 -15.71
C MET C 151 0.56 4.16 -17.01
N CYS C 152 -0.71 4.02 -17.43
CA CYS C 152 -1.02 3.39 -18.71
C CYS C 152 -0.54 4.31 -19.84
N GLU C 153 -0.27 3.70 -20.98
CA GLU C 153 0.28 4.43 -22.12
C GLU C 153 -0.65 5.52 -22.67
N TYR C 154 -1.96 5.32 -22.50
CA TYR C 154 -2.93 6.37 -22.81
C TYR C 154 -2.53 7.65 -22.07
N MET C 155 -2.36 7.53 -20.75
CA MET C 155 -1.97 8.65 -19.90
C MET C 155 -0.68 9.29 -20.37
N ILE C 156 0.32 8.47 -20.66
CA ILE C 156 1.63 8.95 -21.07
C ILE C 156 1.52 9.80 -22.34
N ASN C 157 0.78 9.29 -23.32
CA ASN C 157 0.61 10.01 -24.58
C ASN C 157 -0.22 11.28 -24.45
N PHE C 158 -1.28 11.19 -23.64
CA PHE C 158 -2.09 12.34 -23.28
C PHE C 158 -1.20 13.48 -22.75
N ILE C 159 -0.36 13.18 -21.76
CA ILE C 159 0.57 14.15 -21.21
C ILE C 159 1.45 14.79 -22.30
N HIS C 160 1.97 13.95 -23.19
CA HIS C 160 2.80 14.43 -24.29
C HIS C 160 2.04 15.36 -25.25
N LYS C 161 0.80 15.00 -25.58
CA LYS C 161 -0.04 15.86 -26.42
C LYS C 161 -0.44 17.16 -25.70
N LEU C 162 -0.71 17.06 -24.39
CA LEU C 162 -0.98 18.26 -23.58
C LEU C 162 0.18 19.24 -23.63
N LYS C 163 1.39 18.74 -23.38
CA LYS C 163 2.61 19.54 -23.36
C LYS C 163 2.94 20.17 -24.71
N HIS C 164 2.46 19.55 -25.78
CA HIS C 164 2.71 19.97 -27.14
C HIS C 164 1.80 21.14 -27.57
N LEU C 165 0.67 21.30 -26.87
CA LEU C 165 -0.29 22.36 -27.16
C LEU C 165 0.32 23.75 -27.05
N PRO C 166 0.04 24.62 -28.04
CA PRO C 166 0.69 25.91 -28.23
C PRO C 166 0.54 26.82 -27.03
N GLU C 167 -0.70 27.04 -26.62
CA GLU C 167 -0.97 28.00 -25.55
C GLU C 167 -1.45 27.27 -24.32
N LYS C 168 -1.39 27.96 -23.19
CA LYS C 168 -1.58 27.32 -21.89
C LYS C 168 -3.04 27.16 -21.47
N TYR C 169 -3.96 27.77 -22.21
CA TYR C 169 -5.39 27.67 -21.90
C TYR C 169 -6.13 26.60 -22.70
N MET C 170 -5.52 26.15 -23.79
CA MET C 170 -6.03 25.02 -24.57
C MET C 170 -5.94 23.76 -23.72
N MET C 171 -4.83 23.62 -23.00
CA MET C 171 -4.61 22.49 -22.11
C MET C 171 -5.79 22.38 -21.15
N ASN C 172 -6.17 23.50 -20.55
CA ASN C 172 -7.35 23.60 -19.69
C ASN C 172 -8.65 23.12 -20.34
N SER C 173 -8.84 23.42 -21.62
CA SER C 173 -10.03 23.01 -22.36
CA SER C 173 -10.06 23.00 -22.31
C SER C 173 -10.06 21.50 -22.63
N VAL C 174 -8.89 20.92 -22.87
CA VAL C 174 -8.81 19.46 -23.08
C VAL C 174 -9.00 18.77 -21.73
N LEU C 175 -8.40 19.35 -20.69
CA LEU C 175 -8.47 18.79 -19.34
C LEU C 175 -9.87 18.82 -18.79
N GLU C 176 -10.70 19.69 -19.36
CA GLU C 176 -12.07 19.90 -18.89
C GLU C 176 -12.90 18.63 -19.03
N ASN C 177 -12.51 17.76 -19.94
CA ASN C 177 -13.28 16.55 -20.26
C ASN C 177 -12.54 15.27 -19.85
N PHE C 178 -11.42 15.45 -19.15
CA PHE C 178 -10.60 14.37 -18.67
C PHE C 178 -10.79 14.26 -17.14
N THR C 179 -11.22 13.09 -16.67
CA THR C 179 -11.42 12.89 -15.24
C THR C 179 -10.83 11.56 -14.78
N ILE C 180 -10.59 11.45 -13.48
CA ILE C 180 -10.15 10.20 -12.89
CA ILE C 180 -10.11 10.22 -12.86
C ILE C 180 -11.02 9.85 -11.70
N LEU C 181 -11.57 8.66 -11.73
CA LEU C 181 -12.36 8.18 -10.60
C LEU C 181 -11.56 7.14 -9.87
N LEU C 182 -11.46 7.33 -8.57
CA LEU C 182 -10.68 6.46 -7.73
C LEU C 182 -11.59 5.95 -6.63
N VAL C 183 -11.67 4.63 -6.52
CA VAL C 183 -12.50 3.99 -5.51
C VAL C 183 -11.73 2.88 -4.78
N VAL C 184 -11.71 2.97 -3.45
CA VAL C 184 -11.17 1.89 -2.63
C VAL C 184 -12.32 1.12 -2.01
N THR C 185 -12.30 -0.20 -2.23
CA THR C 185 -13.37 -1.10 -1.84
C THR C 185 -12.82 -2.23 -0.97
N ASN C 186 -13.56 -2.59 0.08
CA ASN C 186 -13.31 -3.82 0.84
C ASN C 186 -13.60 -5.03 -0.04
N ARG C 187 -12.57 -5.80 -0.40
CA ARG C 187 -12.72 -6.91 -1.32
C ARG C 187 -13.73 -7.95 -0.81
N ASP C 188 -13.73 -8.14 0.49
CA ASP C 188 -14.63 -9.10 1.14
C ASP C 188 -16.08 -8.60 1.16
N THR C 189 -16.29 -7.42 1.74
CA THR C 189 -17.63 -6.81 1.87
C THR C 189 -18.24 -6.31 0.55
N GLN C 190 -17.39 -5.72 -0.31
CA GLN C 190 -17.80 -4.92 -1.48
C GLN C 190 -18.25 -3.53 -1.03
N GLU C 191 -17.98 -3.22 0.23
CA GLU C 191 -18.26 -1.91 0.79
C GLU C 191 -17.25 -0.88 0.26
N THR C 192 -17.76 0.22 -0.31
CA THR C 192 -16.95 1.35 -0.71
C THR C 192 -16.35 1.97 0.54
N LEU C 193 -15.05 2.21 0.54
CA LEU C 193 -14.34 2.78 1.69
C LEU C 193 -14.00 4.24 1.46
N LEU C 194 -13.73 4.57 0.21
CA LEU C 194 -13.29 5.90 -0.18
C LEU C 194 -13.52 6.06 -1.67
N CYS C 195 -14.07 7.20 -2.05
CA CYS C 195 -14.22 7.54 -3.47
C CYS C 195 -13.81 8.96 -3.74
N MET C 196 -12.79 9.12 -4.57
CA MET C 196 -12.38 10.42 -5.05
C MET C 196 -12.72 10.57 -6.51
N ALA C 197 -13.50 11.61 -6.79
CA ALA C 197 -13.79 12.00 -8.15
C ALA C 197 -12.83 13.15 -8.48
N CYS C 198 -11.96 12.94 -9.47
CA CYS C 198 -10.86 13.87 -9.72
C CYS C 198 -11.01 14.67 -11.00
N VAL C 199 -10.79 15.98 -10.88
CA VAL C 199 -10.86 16.90 -12.03
C VAL C 199 -9.55 17.69 -12.16
N PHE C 200 -9.37 18.40 -13.28
CA PHE C 200 -8.03 18.86 -13.69
C PHE C 200 -7.94 20.21 -14.40
N GLU C 201 -6.97 21.00 -13.97
CA GLU C 201 -6.49 22.17 -14.71
C GLU C 201 -4.96 22.16 -14.72
N VAL C 202 -4.35 23.01 -15.54
CA VAL C 202 -2.90 23.23 -15.50
C VAL C 202 -2.59 24.29 -14.43
N SER C 203 -1.49 24.09 -13.70
CA SER C 203 -1.10 25.05 -12.67
C SER C 203 -0.39 26.27 -13.27
N ASN C 204 -0.75 27.43 -12.74
CA ASN C 204 -0.09 28.70 -13.08
C ASN C 204 0.91 29.10 -12.01
N SER C 205 0.68 28.61 -10.80
CA SER C 205 1.44 28.99 -9.61
C SER C 205 2.93 28.66 -9.73
N GLU C 206 3.76 29.51 -9.13
CA GLU C 206 5.20 29.30 -9.10
C GLU C 206 5.60 28.23 -8.08
N HIS C 207 4.65 27.88 -7.22
CA HIS C 207 4.84 26.83 -6.21
C HIS C 207 4.40 25.45 -6.74
N GLY C 208 4.14 25.36 -8.04
CA GLY C 208 3.84 24.09 -8.71
C GLY C 208 2.42 23.59 -8.54
N ALA C 209 2.29 22.31 -8.21
CA ALA C 209 0.99 21.63 -8.12
C ALA C 209 0.20 22.03 -6.87
N GLN C 210 -1.12 22.13 -7.05
CA GLN C 210 -2.03 22.40 -5.96
C GLN C 210 -3.31 21.59 -6.13
N HIS C 211 -4.14 21.59 -5.10
CA HIS C 211 -5.40 20.86 -5.16
C HIS C 211 -6.43 21.39 -4.16
N HIS C 212 -7.71 21.26 -4.51
CA HIS C 212 -8.79 21.48 -3.55
C HIS C 212 -9.52 20.18 -3.24
N ILE C 213 -10.12 20.10 -2.05
CA ILE C 213 -10.96 18.97 -1.69
C ILE C 213 -12.35 19.45 -1.27
N HIS C 214 -13.38 18.85 -1.87
CA HIS C 214 -14.77 19.13 -1.54
C HIS C 214 -15.47 17.84 -1.18
N ARG C 215 -16.29 17.86 -0.12
CA ARG C 215 -17.21 16.75 0.10
C ARG C 215 -18.33 16.78 -0.94
N LEU C 216 -18.57 15.63 -1.56
CA LEU C 216 -19.71 15.45 -2.44
C LEU C 216 -20.94 15.11 -1.63
N VAL C 217 -22.05 15.76 -1.97
CA VAL C 217 -23.32 15.55 -1.27
C VAL C 217 -24.49 15.36 -2.24
N LYS C 218 -25.53 14.69 -1.73
CA LYS C 218 -26.89 14.63 -2.33
C LYS C 218 -27.78 13.66 -1.55
N ASP D 5 -11.19 8.61 -29.05
CA ASP D 5 -9.91 8.81 -29.78
C ASP D 5 -9.13 10.04 -29.28
N LEU D 6 -7.85 9.81 -29.00
CA LEU D 6 -6.94 10.78 -28.43
C LEU D 6 -6.67 11.98 -29.33
N GLU D 7 -6.53 11.73 -30.64
CA GLU D 7 -6.23 12.78 -31.61
C GLU D 7 -7.43 13.71 -31.84
N ALA D 8 -8.64 13.17 -31.69
CA ALA D 8 -9.88 13.95 -31.84
C ALA D 8 -10.02 14.97 -30.72
N LEU D 9 -9.58 14.58 -29.53
CA LEU D 9 -9.62 15.43 -28.34
C LEU D 9 -8.85 16.73 -28.54
N PHE D 10 -7.64 16.61 -29.07
CA PHE D 10 -6.77 17.77 -29.22
C PHE D 10 -7.07 18.59 -30.47
N ASN D 11 -7.59 17.93 -31.51
CA ASN D 11 -8.00 18.61 -32.74
C ASN D 11 -9.19 19.53 -32.50
N ALA D 12 -10.02 19.16 -31.51
CA ALA D 12 -11.16 19.96 -31.12
C ALA D 12 -10.76 21.31 -30.55
N VAL D 13 -9.59 21.39 -29.90
CA VAL D 13 -9.11 22.65 -29.31
C VAL D 13 -8.16 23.44 -30.23
N MET D 14 -7.45 22.71 -31.09
CA MET D 14 -6.56 23.33 -32.07
CA MET D 14 -6.56 23.33 -32.07
C MET D 14 -7.36 23.93 -33.23
N ASN D 15 -8.29 23.15 -33.77
CA ASN D 15 -9.16 23.58 -34.88
C ASN D 15 -10.64 23.36 -34.55
N PRO D 16 -11.23 24.26 -33.73
CA PRO D 16 -12.61 24.11 -33.24
C PRO D 16 -13.69 24.03 -34.33
N LYS D 17 -13.32 24.43 -35.55
CA LYS D 17 -14.22 24.39 -36.70
C LYS D 17 -14.58 22.95 -37.09
N THR D 18 -13.59 22.06 -36.98
CA THR D 18 -13.75 20.65 -37.35
C THR D 18 -13.85 19.74 -36.13
N ALA D 19 -14.31 20.30 -35.01
CA ALA D 19 -14.45 19.57 -33.75
C ALA D 19 -15.52 18.47 -33.84
N ASN D 20 -15.16 17.27 -33.39
CA ASN D 20 -16.11 16.15 -33.30
C ASN D 20 -16.02 15.42 -31.95
N VAL D 21 -16.29 16.16 -30.89
CA VAL D 21 -16.26 15.66 -29.52
C VAL D 21 -17.65 15.82 -28.89
N PRO D 22 -17.99 14.99 -27.88
CA PRO D 22 -19.28 15.17 -27.19
C PRO D 22 -19.41 16.56 -26.55
N GLN D 23 -20.62 17.11 -26.61
CA GLN D 23 -20.87 18.45 -26.10
C GLN D 23 -21.42 18.39 -24.69
N THR D 24 -20.92 19.27 -23.83
CA THR D 24 -21.45 19.43 -22.47
C THR D 24 -21.39 20.90 -22.08
N VAL D 25 -21.99 21.19 -20.93
CA VAL D 25 -21.88 22.49 -20.28
C VAL D 25 -20.46 22.66 -19.72
N PRO D 26 -19.75 23.72 -20.12
CA PRO D 26 -18.46 24.04 -19.49
C PRO D 26 -18.61 24.16 -17.98
N MET D 27 -17.60 23.69 -17.25
CA MET D 27 -17.59 23.71 -15.78
C MET D 27 -17.82 25.12 -15.21
N ARG D 28 -17.24 26.13 -15.83
CA ARG D 28 -17.39 27.54 -15.39
C ARG D 28 -18.85 27.96 -15.29
N LEU D 29 -19.72 27.32 -16.08
CA LEU D 29 -21.11 27.76 -16.18
C LEU D 29 -22.05 26.95 -15.29
N ARG D 30 -21.52 25.92 -14.64
CA ARG D 30 -22.33 25.06 -13.79
C ARG D 30 -22.57 25.70 -12.43
N LYS D 31 -23.54 25.17 -11.70
CA LYS D 31 -23.84 25.63 -10.33
C LYS D 31 -22.86 24.99 -9.34
N LEU D 32 -21.65 25.53 -9.34
CA LEU D 32 -20.59 25.10 -8.45
C LEU D 32 -20.09 26.27 -7.59
N PRO D 33 -19.58 25.98 -6.38
CA PRO D 33 -18.97 26.96 -5.47
C PRO D 33 -17.98 27.91 -6.15
N ASP D 34 -17.81 29.10 -5.57
CA ASP D 34 -16.83 30.09 -6.02
C ASP D 34 -15.41 29.58 -5.85
N SER D 35 -15.17 28.87 -4.76
CA SER D 35 -13.83 28.35 -4.47
C SER D 35 -13.36 27.28 -5.46
N PHE D 36 -14.29 26.72 -6.23
CA PHE D 36 -13.99 25.65 -7.20
C PHE D 36 -13.06 26.08 -8.32
N PHE D 37 -13.07 27.35 -8.69
CA PHE D 37 -12.23 27.84 -9.79
C PHE D 37 -11.08 28.74 -9.33
N LYS D 38 -11.00 28.96 -8.02
CA LYS D 38 -10.06 29.89 -7.42
C LYS D 38 -8.94 29.12 -6.70
N PRO D 39 -7.73 29.10 -7.28
CA PRO D 39 -6.60 28.35 -6.69
C PRO D 39 -5.82 29.18 -5.68
N ILE E 4 21.27 -13.17 -2.07
CA ILE E 4 21.56 -13.03 -0.61
C ILE E 4 20.34 -13.42 0.21
N GLY E 5 20.51 -14.38 1.11
CA GLY E 5 19.44 -14.82 1.98
C GLY E 5 19.04 -16.27 1.77
N THR E 6 18.65 -16.92 2.87
CA THR E 6 18.35 -18.35 2.90
C THR E 6 16.96 -18.73 2.37
N THR E 7 16.30 -19.58 3.15
CA THR E 7 15.01 -20.17 2.81
C THR E 7 13.92 -19.47 3.60
N LYS E 8 14.27 -19.04 4.81
CA LYS E 8 13.34 -18.37 5.70
C LYS E 8 13.24 -16.86 5.45
N LEU E 9 14.27 -16.30 4.80
CA LEU E 9 14.30 -14.88 4.45
C LEU E 9 15.35 -14.58 3.40
N ARG E 10 15.02 -13.68 2.48
CA ARG E 10 15.92 -13.29 1.41
C ARG E 10 16.02 -11.77 1.27
N LEU E 11 17.11 -11.29 0.70
CA LEU E 11 17.27 -9.88 0.37
C LEU E 11 16.85 -9.64 -1.08
N VAL E 12 16.01 -8.64 -1.29
CA VAL E 12 15.53 -8.31 -2.64
C VAL E 12 16.09 -6.95 -3.08
N GLU E 13 16.34 -6.07 -2.12
CA GLU E 13 16.75 -4.70 -2.41
C GLU E 13 17.38 -4.02 -1.20
N PHE E 14 18.50 -3.34 -1.46
CA PHE E 14 19.17 -2.50 -0.48
C PHE E 14 19.74 -1.30 -1.22
N SER E 15 19.67 -0.15 -0.56
CA SER E 15 19.81 1.12 -1.23
C SER E 15 20.12 2.19 -0.22
N ALA E 16 21.24 2.90 -0.42
CA ALA E 16 21.54 4.07 0.37
C ALA E 16 21.57 5.22 -0.61
N PHE E 17 20.96 6.34 -0.24
CA PHE E 17 20.81 7.43 -1.18
C PHE E 17 20.86 8.81 -0.53
N LEU E 18 21.01 9.82 -1.38
CA LEU E 18 20.86 11.22 -1.00
C LEU E 18 19.78 11.79 -1.90
N GLU E 19 18.74 12.37 -1.28
CA GLU E 19 17.66 12.99 -2.02
C GLU E 19 17.70 14.49 -1.82
N GLN E 20 17.62 15.22 -2.93
CA GLN E 20 17.68 16.68 -2.91
CA GLN E 20 17.69 16.68 -2.94
C GLN E 20 16.47 17.30 -3.61
N GLN E 21 15.70 18.04 -2.84
CA GLN E 21 14.51 18.72 -3.34
C GLN E 21 14.86 20.13 -3.80
N ARG E 22 14.74 20.37 -5.10
CA ARG E 22 14.95 21.70 -5.69
C ARG E 22 13.75 22.62 -5.39
N ASP E 23 12.55 22.11 -5.66
CA ASP E 23 11.29 22.78 -5.38
C ASP E 23 10.28 21.68 -5.05
N PRO E 24 9.09 22.04 -4.50
CA PRO E 24 8.11 21.01 -4.10
C PRO E 24 7.73 19.95 -5.15
N ASP E 25 8.12 20.17 -6.40
CA ASP E 25 7.77 19.24 -7.49
C ASP E 25 8.97 18.58 -8.17
N SER E 26 10.19 18.89 -7.70
CA SER E 26 11.41 18.36 -8.33
C SER E 26 12.39 17.76 -7.32
N TYR E 27 12.81 16.53 -7.60
CA TYR E 27 13.67 15.79 -6.71
C TYR E 27 14.81 15.14 -7.48
N ASN E 28 16.03 15.30 -6.97
CA ASN E 28 17.19 14.60 -7.45
C ASN E 28 17.56 13.54 -6.42
N LYS E 29 17.76 12.31 -6.89
CA LYS E 29 18.08 11.18 -6.01
C LYS E 29 19.39 10.58 -6.51
N HIS E 30 20.39 10.55 -5.64
CA HIS E 30 21.68 9.94 -5.97
C HIS E 30 21.94 8.72 -5.11
N LEU E 31 22.21 7.59 -5.76
CA LEU E 31 22.50 6.34 -5.04
C LEU E 31 23.98 6.21 -4.69
N PHE E 32 24.28 5.95 -3.42
CA PHE E 32 25.64 5.63 -2.99
C PHE E 32 25.94 4.16 -3.26
N VAL E 33 24.99 3.30 -2.85
CA VAL E 33 25.07 1.87 -3.11
C VAL E 33 23.68 1.33 -3.40
N HIS E 34 23.62 0.22 -4.11
CA HIS E 34 22.35 -0.42 -4.41
C HIS E 34 22.56 -1.89 -4.73
N ILE E 35 21.70 -2.73 -4.14
CA ILE E 35 21.59 -4.13 -4.47
C ILE E 35 20.16 -4.31 -4.94
N GLY E 36 20.00 -4.73 -6.20
CA GLY E 36 18.68 -4.88 -6.79
C GLY E 36 18.49 -3.97 -7.99
N LEU E 46 27.36 -14.29 -7.16
CA LEU E 46 27.83 -14.95 -5.95
C LEU E 46 29.26 -15.49 -6.14
N LEU E 47 30.22 -14.83 -5.50
CA LEU E 47 31.63 -15.13 -5.69
C LEU E 47 32.17 -16.10 -4.62
N GLU E 48 33.46 -16.42 -4.71
CA GLU E 48 34.09 -17.42 -3.83
C GLU E 48 33.88 -17.14 -2.34
N SER E 49 33.79 -18.19 -1.55
CA SER E 49 33.57 -18.05 -0.10
C SER E 49 34.77 -17.45 0.63
N VAL E 50 34.47 -16.77 1.73
CA VAL E 50 35.49 -16.13 2.56
C VAL E 50 35.42 -16.73 3.96
N ASP E 51 36.58 -17.09 4.50
CA ASP E 51 36.70 -17.63 5.84
C ASP E 51 36.44 -16.52 6.84
N ILE E 52 35.35 -16.64 7.58
CA ILE E 52 34.89 -15.59 8.50
C ILE E 52 35.95 -15.13 9.51
N ARG E 53 36.88 -16.03 9.85
CA ARG E 53 37.94 -15.72 10.82
C ARG E 53 38.88 -14.62 10.31
N GLN E 54 38.91 -14.45 8.99
CA GLN E 54 39.73 -13.42 8.36
C GLN E 54 39.21 -11.99 8.57
N ILE E 55 37.99 -11.85 9.10
CA ILE E 55 37.39 -10.53 9.26
C ILE E 55 36.80 -10.23 10.64
N TYR E 56 37.01 -11.11 11.61
CA TYR E 56 36.45 -10.93 12.95
C TYR E 56 36.85 -9.61 13.61
N ASP E 57 38.09 -9.18 13.35
CA ASP E 57 38.62 -7.94 13.91
C ASP E 57 37.97 -6.69 13.32
N LYS E 58 37.27 -6.85 12.19
CA LYS E 58 36.63 -5.73 11.50
C LYS E 58 35.21 -5.46 11.98
N PHE E 59 34.69 -6.37 12.81
CA PHE E 59 33.33 -6.25 13.34
C PHE E 59 33.33 -6.49 14.85
N PRO E 60 32.26 -6.05 15.55
CA PRO E 60 32.24 -6.21 17.00
C PRO E 60 32.25 -7.67 17.42
N GLU E 61 33.02 -7.98 18.46
CA GLU E 61 33.21 -9.35 18.93
C GLU E 61 32.87 -9.56 20.40
N LYS E 62 32.19 -8.58 20.99
CA LYS E 62 31.73 -8.68 22.38
C LYS E 62 30.52 -9.62 22.45
N LYS E 63 29.66 -9.43 23.45
CA LYS E 63 28.45 -10.24 23.56
C LYS E 63 27.48 -9.89 22.45
N GLY E 64 27.07 -10.90 21.69
CA GLY E 64 26.16 -10.72 20.56
C GLY E 64 26.88 -10.22 19.32
N GLY E 65 28.21 -10.25 19.37
CA GLY E 65 29.03 -9.84 18.23
C GLY E 65 28.96 -10.88 17.12
N LEU E 66 29.87 -10.76 16.15
CA LEU E 66 29.79 -11.59 14.94
C LEU E 66 30.16 -13.05 15.18
N LYS E 67 31.17 -13.29 16.02
CA LYS E 67 31.59 -14.64 16.37
C LYS E 67 30.44 -15.41 17.05
N GLU E 68 29.83 -14.77 18.04
CA GLU E 68 28.68 -15.32 18.76
C GLU E 68 27.51 -15.59 17.82
N LEU E 69 27.20 -14.61 16.97
CA LEU E 69 26.16 -14.73 15.97
C LEU E 69 26.41 -15.87 14.99
N PHE E 70 27.67 -15.99 14.55
CA PHE E 70 28.03 -17.07 13.65
C PHE E 70 28.04 -18.41 14.39
N GLY E 71 28.30 -18.33 15.69
CA GLY E 71 28.26 -19.50 16.58
C GLY E 71 26.85 -20.07 16.63
N LYS E 72 25.89 -19.20 16.96
CA LYS E 72 24.48 -19.57 17.09
C LYS E 72 23.80 -19.96 15.78
N GLY E 73 24.45 -19.66 14.65
CA GLY E 73 23.94 -20.02 13.33
C GLY E 73 22.61 -19.37 12.97
N PRO E 74 22.00 -19.79 11.85
CA PRO E 74 22.53 -20.76 10.89
C PRO E 74 23.60 -20.15 10.01
N GLN E 75 24.67 -20.91 9.80
CA GLN E 75 25.86 -20.44 9.10
C GLN E 75 25.66 -20.30 7.58
N ASN E 76 24.52 -20.75 7.08
CA ASN E 76 24.18 -20.53 5.66
C ASN E 76 23.54 -19.15 5.41
N ALA E 77 23.25 -18.43 6.48
CA ALA E 77 22.63 -17.09 6.38
C ALA E 77 23.64 -15.94 6.38
N PHE E 78 24.92 -16.27 6.50
CA PHE E 78 25.98 -15.28 6.71
C PHE E 78 26.71 -14.89 5.44
N PHE E 79 26.79 -13.58 5.20
CA PHE E 79 27.31 -13.06 3.94
C PHE E 79 28.23 -11.86 4.15
N LEU E 80 29.24 -11.77 3.28
CA LEU E 80 30.13 -10.63 3.21
C LEU E 80 29.88 -9.92 1.89
N VAL E 81 29.55 -8.63 1.99
CA VAL E 81 29.31 -7.81 0.82
C VAL E 81 30.36 -6.71 0.73
N LYS E 82 31.06 -6.67 -0.40
CA LYS E 82 32.01 -5.63 -0.70
C LYS E 82 31.33 -4.62 -1.63
N PHE E 83 31.09 -3.42 -1.11
CA PHE E 83 30.53 -2.29 -1.90
C PHE E 83 31.60 -1.41 -2.50
N TRP E 84 31.36 -0.94 -3.71
CA TRP E 84 32.11 0.15 -4.31
C TRP E 84 31.14 1.33 -4.36
N ALA E 85 31.30 2.26 -3.42
CA ALA E 85 30.33 3.36 -3.27
C ALA E 85 30.52 4.49 -4.25
N ASP E 86 29.40 4.99 -4.77
CA ASP E 86 29.41 6.10 -5.69
C ASP E 86 29.31 7.38 -4.87
N LEU E 87 30.35 8.21 -4.93
CA LEU E 87 30.37 9.48 -4.20
C LEU E 87 30.48 10.68 -5.15
N ASN E 88 30.19 10.43 -6.42
CA ASN E 88 30.17 11.47 -7.43
C ASN E 88 28.85 12.24 -7.35
N CYS E 89 28.79 13.18 -6.41
CA CYS E 89 27.60 14.01 -6.18
C CYS E 89 27.97 15.34 -5.51
N ASN E 90 27.10 16.34 -5.68
CA ASN E 90 27.37 17.72 -5.26
C ASN E 90 27.39 17.99 -3.76
N ILE E 91 26.38 17.49 -3.04
CA ILE E 91 26.14 17.83 -1.62
C ILE E 91 26.02 19.35 -1.41
N ALA E 95 21.50 21.73 2.58
CA ALA E 95 20.22 22.34 2.25
C ALA E 95 19.05 21.40 2.56
N GLY E 96 18.02 21.44 1.72
CA GLY E 96 16.86 20.54 1.83
C GLY E 96 17.20 19.16 1.29
N ALA E 97 17.91 18.37 2.09
CA ALA E 97 18.41 17.09 1.64
C ALA E 97 18.07 15.98 2.62
N PHE E 98 17.79 14.79 2.08
CA PHE E 98 17.50 13.61 2.88
C PHE E 98 18.47 12.49 2.54
N TYR E 99 19.26 12.08 3.52
CA TYR E 99 20.11 10.91 3.41
C TYR E 99 19.32 9.72 3.92
N GLY E 100 19.12 8.73 3.07
CA GLY E 100 18.25 7.64 3.43
C GLY E 100 18.75 6.29 3.02
N VAL E 101 18.08 5.27 3.56
CA VAL E 101 18.35 3.88 3.26
C VAL E 101 17.01 3.19 3.03
N THR E 102 16.92 2.43 1.94
CA THR E 102 15.73 1.67 1.62
C THR E 102 16.13 0.21 1.45
N SER E 103 15.33 -0.67 2.03
CA SER E 103 15.59 -2.10 1.99
C SER E 103 14.30 -2.88 1.83
N GLN E 104 14.41 -4.09 1.27
CA GLN E 104 13.29 -4.99 1.09
C GLN E 104 13.68 -6.46 1.23
N TYR E 105 12.98 -7.16 2.12
CA TYR E 105 13.18 -8.58 2.37
C TYR E 105 11.91 -9.36 2.10
N GLU E 106 12.04 -10.50 1.43
CA GLU E 106 10.90 -11.38 1.14
C GLU E 106 11.00 -12.74 1.82
N SER E 107 9.86 -13.25 2.28
CA SER E 107 9.79 -14.53 2.96
C SER E 107 8.57 -15.34 2.52
N SER E 108 8.55 -16.63 2.85
CA SER E 108 7.36 -17.46 2.69
C SER E 108 6.64 -17.59 4.03
N GLU E 109 7.22 -16.99 5.06
CA GLU E 109 6.70 -17.05 6.43
C GLU E 109 6.38 -15.66 6.96
N ASN E 110 5.25 -15.56 7.67
CA ASN E 110 4.86 -14.32 8.32
C ASN E 110 5.49 -14.20 9.71
N MET E 111 6.40 -13.24 9.87
CA MET E 111 7.10 -13.05 11.14
C MET E 111 7.11 -11.59 11.56
N THR E 112 7.43 -11.35 12.82
CA THR E 112 7.84 -10.02 13.27
C THR E 112 9.37 -9.97 13.21
N VAL E 113 9.88 -9.09 12.36
CA VAL E 113 11.30 -9.04 12.01
C VAL E 113 11.98 -7.83 12.64
N THR E 114 13.20 -8.02 13.14
CA THR E 114 14.02 -6.92 13.68
C THR E 114 15.31 -6.76 12.89
N CYS E 115 15.44 -5.60 12.24
CA CYS E 115 16.65 -5.26 11.48
CA CYS E 115 16.64 -5.27 11.49
C CYS E 115 17.60 -4.47 12.34
N SER E 116 18.82 -4.97 12.47
CA SER E 116 19.87 -4.29 13.21
C SER E 116 20.91 -3.77 12.21
N THR E 117 21.21 -2.49 12.28
CA THR E 117 22.28 -1.92 11.49
C THR E 117 23.32 -1.31 12.40
N LYS E 118 24.50 -1.94 12.44
CA LYS E 118 25.61 -1.45 13.25
C LYS E 118 26.68 -0.79 12.39
N VAL E 119 27.01 0.46 12.75
CA VAL E 119 28.05 1.23 12.10
C VAL E 119 29.32 1.07 12.93
N CYS E 120 30.40 0.61 12.30
CA CYS E 120 31.59 0.25 13.04
C CYS E 120 32.84 1.00 12.60
N SER E 121 33.72 1.25 13.56
CA SER E 121 35.01 1.88 13.30
C SER E 121 36.13 1.10 13.98
N PHE E 122 37.02 0.55 13.16
CA PHE E 122 38.08 -0.38 13.61
C PHE E 122 37.51 -1.65 14.22
N GLY E 123 36.25 -1.92 13.91
CA GLY E 123 35.56 -3.10 14.41
C GLY E 123 34.75 -2.85 15.65
N LYS E 124 34.89 -1.65 16.22
CA LYS E 124 34.14 -1.28 17.41
C LYS E 124 32.86 -0.56 16.99
N GLN E 125 31.73 -1.00 17.53
CA GLN E 125 30.43 -0.39 17.24
C GLN E 125 30.39 1.08 17.64
N VAL E 126 29.97 1.92 16.69
CA VAL E 126 29.88 3.35 16.90
C VAL E 126 28.43 3.79 17.10
N VAL E 127 27.55 3.34 16.21
CA VAL E 127 26.12 3.63 16.30
C VAL E 127 25.31 2.40 15.90
N GLU E 128 24.20 2.15 16.60
CA GLU E 128 23.27 1.08 16.21
C GLU E 128 21.90 1.64 15.85
N LYS E 129 21.40 1.19 14.70
CA LYS E 129 20.04 1.50 14.26
C LYS E 129 19.26 0.18 14.34
N VAL E 130 18.13 0.20 15.02
CA VAL E 130 17.36 -1.01 15.23
C VAL E 130 15.88 -0.78 14.88
N GLU E 131 15.39 -1.55 13.90
CA GLU E 131 14.02 -1.37 13.39
C GLU E 131 13.21 -2.68 13.43
N THR E 132 11.97 -2.57 13.89
CA THR E 132 11.03 -3.68 13.91
C THR E 132 10.01 -3.49 12.81
N GLU E 133 9.77 -4.53 12.02
CA GLU E 133 8.80 -4.42 10.93
C GLU E 133 7.93 -5.67 10.72
N TYR E 134 6.81 -5.46 10.04
CA TYR E 134 5.84 -6.53 9.82
C TYR E 134 5.71 -6.81 8.33
N ALA E 135 5.07 -7.92 7.99
CA ALA E 135 4.94 -8.34 6.60
C ALA E 135 3.66 -7.84 5.95
N ARG E 136 3.71 -7.71 4.63
CA ARG E 136 2.54 -7.52 3.81
C ARG E 136 2.50 -8.70 2.84
N PHE E 137 1.32 -9.28 2.66
CA PHE E 137 1.13 -10.35 1.69
C PHE E 137 1.04 -9.74 0.28
N GLU E 138 2.06 -9.99 -0.52
CA GLU E 138 2.16 -9.43 -1.87
C GLU E 138 2.49 -10.52 -2.88
N ASN E 139 1.58 -10.72 -3.84
CA ASN E 139 1.76 -11.69 -4.91
C ASN E 139 2.36 -13.03 -4.48
N GLY E 140 1.78 -13.60 -3.43
CA GLY E 140 2.19 -14.92 -2.95
C GLY E 140 3.01 -14.95 -1.66
N ARG E 141 3.86 -13.95 -1.44
CA ARG E 141 4.82 -13.97 -0.33
C ARG E 141 4.58 -12.94 0.76
N PHE E 142 5.48 -12.90 1.73
CA PHE E 142 5.46 -11.89 2.78
C PHE E 142 6.65 -10.95 2.61
N VAL E 143 6.33 -9.66 2.45
CA VAL E 143 7.32 -8.64 2.09
C VAL E 143 7.54 -7.65 3.25
N TYR E 144 8.81 -7.42 3.57
CA TYR E 144 9.19 -6.48 4.60
C TYR E 144 9.95 -5.34 3.92
N ARG E 145 9.34 -4.16 3.89
CA ARG E 145 9.97 -3.02 3.23
C ARG E 145 10.24 -1.91 4.22
N ILE E 146 11.48 -1.45 4.23
CA ILE E 146 11.80 -0.22 4.96
C ILE E 146 11.94 0.86 3.91
N ASN E 147 11.01 1.79 3.94
CA ASN E 147 11.00 2.92 3.03
C ASN E 147 11.64 4.12 3.71
N ARG E 148 12.69 4.67 3.10
CA ARG E 148 13.31 5.92 3.55
C ARG E 148 13.72 5.96 5.02
N SER E 149 14.48 4.96 5.46
CA SER E 149 15.08 5.02 6.77
C SER E 149 16.14 6.12 6.76
N PRO E 150 16.06 7.06 7.71
CA PRO E 150 17.04 8.16 7.74
C PRO E 150 18.38 7.71 8.30
N MET E 151 19.44 8.02 7.57
CA MET E 151 20.80 7.88 8.08
C MET E 151 20.94 8.72 9.35
N CYS E 152 21.76 8.25 10.29
CA CYS E 152 22.00 9.01 11.51
C CYS E 152 23.02 10.13 11.26
N GLU E 153 23.21 10.97 12.26
CA GLU E 153 24.08 12.13 12.15
C GLU E 153 25.53 11.74 11.83
N TYR E 154 25.99 10.66 12.47
CA TYR E 154 27.34 10.14 12.26
C TYR E 154 27.58 9.76 10.81
N MET E 155 26.61 9.06 10.22
CA MET E 155 26.71 8.63 8.82
C MET E 155 26.72 9.80 7.85
N ILE E 156 25.96 10.84 8.17
CA ILE E 156 25.93 12.04 7.33
C ILE E 156 27.27 12.78 7.45
N ASN E 157 27.71 13.02 8.69
CA ASN E 157 29.01 13.64 8.95
C ASN E 157 30.17 12.87 8.34
N PHE E 158 30.10 11.53 8.40
CA PHE E 158 31.12 10.69 7.80
C PHE E 158 31.24 10.90 6.29
N ILE E 159 30.09 10.88 5.62
CA ILE E 159 30.00 11.12 4.18
C ILE E 159 30.54 12.52 3.80
N HIS E 160 30.21 13.53 4.60
CA HIS E 160 30.71 14.88 4.38
C HIS E 160 32.23 14.95 4.49
N LYS E 161 32.77 14.32 5.52
CA LYS E 161 34.22 14.31 5.77
C LYS E 161 34.99 13.39 4.83
N LEU E 162 34.31 12.39 4.26
CA LEU E 162 34.90 11.54 3.21
C LEU E 162 35.02 12.31 1.92
N LYS E 163 34.00 13.12 1.64
CA LYS E 163 33.94 13.90 0.42
C LYS E 163 34.92 15.07 0.43
N HIS E 164 35.28 15.54 1.63
CA HIS E 164 36.21 16.66 1.77
C HIS E 164 37.65 16.26 1.47
N LEU E 165 37.93 14.96 1.49
CA LEU E 165 39.24 14.44 1.07
C LEU E 165 39.44 14.66 -0.44
N PRO E 166 40.62 15.16 -0.84
CA PRO E 166 40.90 15.55 -2.22
C PRO E 166 41.08 14.39 -3.20
N GLU E 167 41.44 13.21 -2.69
CA GLU E 167 41.76 12.07 -3.54
C GLU E 167 41.02 10.81 -3.12
N LYS E 168 40.74 9.96 -4.12
CA LYS E 168 39.98 8.74 -3.91
C LYS E 168 40.78 7.65 -3.18
N TYR E 169 42.10 7.67 -3.32
CA TYR E 169 42.93 6.67 -2.66
C TYR E 169 42.91 6.93 -1.14
N MET E 170 42.84 8.21 -0.77
CA MET E 170 42.70 8.61 0.63
C MET E 170 41.36 8.11 1.18
N MET E 171 40.32 8.26 0.36
CA MET E 171 38.98 7.79 0.69
C MET E 171 38.96 6.27 0.94
N ASN E 172 39.69 5.52 0.10
CA ASN E 172 39.82 4.08 0.27
C ASN E 172 40.55 3.68 1.55
N SER E 173 41.57 4.45 1.92
CA SER E 173 42.36 4.18 3.11
CA SER E 173 42.35 4.15 3.12
C SER E 173 41.59 4.44 4.41
N VAL E 174 40.66 5.39 4.38
CA VAL E 174 39.78 5.62 5.53
C VAL E 174 38.76 4.48 5.61
N LEU E 175 38.21 4.11 4.46
CA LEU E 175 37.17 3.07 4.38
C LEU E 175 37.64 1.69 4.80
N GLU E 176 38.96 1.48 4.76
CA GLU E 176 39.61 0.25 5.22
C GLU E 176 39.22 -0.14 6.66
N ASN E 177 38.89 0.86 7.49
CA ASN E 177 38.55 0.62 8.89
C ASN E 177 37.08 0.92 9.24
N PHE E 178 36.27 1.18 8.20
CA PHE E 178 34.85 1.42 8.33
C PHE E 178 34.05 0.25 7.77
N THR E 179 33.20 -0.35 8.60
CA THR E 179 32.37 -1.47 8.21
C THR E 179 30.97 -1.30 8.77
N ILE E 180 29.98 -1.87 8.08
CA ILE E 180 28.60 -1.87 8.53
C ILE E 180 28.21 -3.34 8.71
N LEU E 181 27.54 -3.65 9.82
CA LEU E 181 27.01 -4.98 10.01
C LEU E 181 25.48 -4.97 9.97
N LEU E 182 24.93 -5.82 9.13
CA LEU E 182 23.50 -5.86 8.96
C LEU E 182 22.94 -7.19 9.46
N VAL E 183 22.06 -7.12 10.46
CA VAL E 183 21.48 -8.34 11.05
C VAL E 183 19.95 -8.34 11.04
N VAL E 184 19.36 -9.37 10.44
CA VAL E 184 17.89 -9.51 10.49
C VAL E 184 17.45 -10.60 11.45
N THR E 185 16.75 -10.20 12.52
CA THR E 185 16.32 -11.10 13.57
C THR E 185 14.80 -11.23 13.70
N ASN E 186 14.28 -12.46 13.65
CA ASN E 186 12.90 -12.75 14.05
C ASN E 186 12.72 -12.34 15.50
N ARG E 187 11.84 -11.37 15.76
CA ARG E 187 11.67 -10.86 17.12
C ARG E 187 11.05 -11.89 18.08
N ASP E 188 10.20 -12.76 17.54
CA ASP E 188 9.50 -13.76 18.36
C ASP E 188 10.40 -14.95 18.72
N THR E 189 10.96 -15.62 17.72
CA THR E 189 11.90 -16.73 17.94
C THR E 189 13.18 -16.24 18.62
N GLN E 190 13.73 -15.14 18.10
CA GLN E 190 15.07 -14.61 18.45
C GLN E 190 16.15 -15.22 17.55
N GLU E 191 15.71 -15.99 16.56
CA GLU E 191 16.59 -16.57 15.56
C GLU E 191 17.19 -15.48 14.65
N THR E 192 18.34 -15.81 14.06
CA THR E 192 18.98 -14.98 13.05
C THR E 192 18.53 -15.46 11.68
N LEU E 193 17.97 -14.55 10.90
CA LEU E 193 17.45 -14.87 9.58
C LEU E 193 18.45 -14.55 8.47
N LEU E 194 19.15 -13.43 8.60
CA LEU E 194 20.13 -13.01 7.61
C LEU E 194 21.13 -12.09 8.28
N CYS E 195 22.41 -12.25 7.93
CA CYS E 195 23.46 -11.36 8.39
C CYS E 195 24.38 -10.96 7.26
N MET E 196 24.55 -9.65 7.09
CA MET E 196 25.40 -9.11 6.05
C MET E 196 26.53 -8.30 6.63
N ALA E 197 27.74 -8.80 6.45
CA ALA E 197 28.96 -8.10 6.85
C ALA E 197 29.45 -7.26 5.66
N CYS E 198 29.46 -5.94 5.85
CA CYS E 198 29.75 -5.02 4.74
C CYS E 198 31.08 -4.26 4.85
N VAL E 199 31.86 -4.36 3.78
CA VAL E 199 33.12 -3.61 3.62
C VAL E 199 32.99 -2.66 2.43
N PHE E 200 33.87 -1.66 2.35
CA PHE E 200 33.66 -0.57 1.40
C PHE E 200 34.92 -0.06 0.67
N GLU E 201 34.70 0.42 -0.55
CA GLU E 201 35.70 1.14 -1.33
C GLU E 201 34.95 2.17 -2.13
N VAL E 202 35.67 3.15 -2.66
CA VAL E 202 35.07 4.14 -3.54
C VAL E 202 35.13 3.59 -4.97
N SER E 203 34.07 3.85 -5.73
CA SER E 203 34.01 3.44 -7.13
C SER E 203 34.92 4.32 -7.97
N ASN E 204 35.68 3.68 -8.86
CA ASN E 204 36.46 4.35 -9.91
C ASN E 204 35.83 4.06 -11.26
N SER E 205 34.88 3.14 -11.26
CA SER E 205 34.16 2.68 -12.44
C SER E 205 33.29 3.76 -13.09
N GLU E 206 33.12 3.65 -14.40
CA GLU E 206 32.23 4.53 -15.16
C GLU E 206 30.77 4.07 -15.05
N HIS E 207 30.56 2.88 -14.49
CA HIS E 207 29.22 2.33 -14.31
C HIS E 207 28.60 2.65 -12.95
N GLY E 208 29.33 3.41 -12.12
CA GLY E 208 28.84 3.88 -10.83
C GLY E 208 29.10 2.90 -9.69
N ALA E 209 28.16 2.82 -8.76
CA ALA E 209 28.21 1.90 -7.63
C ALA E 209 28.16 0.45 -8.09
N GLN E 210 28.87 -0.41 -7.37
CA GLN E 210 28.94 -1.84 -7.67
C GLN E 210 29.07 -2.67 -6.39
N HIS E 211 28.92 -3.99 -6.51
CA HIS E 211 29.09 -4.87 -5.34
C HIS E 211 29.48 -6.33 -5.66
N HIS E 212 30.09 -6.98 -4.66
CA HIS E 212 30.35 -8.43 -4.68
C HIS E 212 29.71 -9.10 -3.49
N ILE E 213 29.23 -10.32 -3.68
CA ILE E 213 28.68 -11.12 -2.59
C ILE E 213 29.54 -12.37 -2.37
N HIS E 214 29.94 -12.59 -1.11
CA HIS E 214 30.64 -13.79 -0.70
C HIS E 214 29.95 -14.37 0.54
N ARG E 215 29.75 -15.69 0.56
CA ARG E 215 29.25 -16.33 1.77
C ARG E 215 30.38 -16.56 2.76
N LEU E 216 30.08 -16.36 4.03
CA LEU E 216 31.06 -16.45 5.11
C LEU E 216 31.09 -17.84 5.73
N VAL E 217 32.17 -18.57 5.47
CA VAL E 217 32.34 -19.93 6.02
C VAL E 217 33.42 -19.97 7.11
N LYS E 218 33.73 -21.17 7.59
CA LYS E 218 34.80 -21.37 8.57
C LYS E 218 35.73 -22.51 8.17
N ASP F 5 36.87 8.75 18.19
CA ASP F 5 36.10 9.82 17.51
C ASP F 5 36.21 9.72 15.99
N LEU F 6 35.28 10.36 15.29
CA LEU F 6 35.24 10.38 13.83
C LEU F 6 36.51 10.96 13.21
N GLU F 7 36.93 12.14 13.71
CA GLU F 7 38.07 12.88 13.12
C GLU F 7 39.43 12.21 13.33
N ALA F 8 39.55 11.44 14.40
CA ALA F 8 40.77 10.68 14.68
C ALA F 8 40.99 9.58 13.64
N LEU F 9 39.89 9.02 13.14
CA LEU F 9 39.90 8.02 12.05
C LEU F 9 40.34 8.63 10.71
N PHE F 10 40.18 9.95 10.58
CA PHE F 10 40.54 10.67 9.36
C PHE F 10 41.96 11.26 9.40
N ASN F 11 42.42 11.64 10.58
CA ASN F 11 43.74 12.26 10.76
C ASN F 11 44.90 11.39 10.27
N ALA F 12 44.66 10.09 10.18
CA ALA F 12 45.66 9.13 9.73
C ALA F 12 46.04 9.29 8.25
N VAL F 13 45.06 9.50 7.38
CA VAL F 13 45.32 9.60 5.93
C VAL F 13 45.85 10.97 5.52
N MET F 14 45.50 11.99 6.30
CA MET F 14 45.96 13.36 6.05
CA MET F 14 45.98 13.35 6.03
C MET F 14 47.31 13.62 6.71
N ASN F 15 47.47 13.12 7.93
CA ASN F 15 48.72 13.27 8.69
C ASN F 15 49.33 11.92 9.06
N PRO F 16 50.07 11.31 8.11
CA PRO F 16 50.64 9.97 8.27
C PRO F 16 51.78 9.90 9.30
N LYS F 17 52.04 11.01 9.98
CA LYS F 17 53.15 11.10 10.92
C LYS F 17 52.67 11.26 12.37
N THR F 18 51.57 11.96 12.57
CA THR F 18 50.92 12.06 13.88
C THR F 18 49.80 11.03 14.03
N ALA F 19 49.88 9.96 13.24
CA ALA F 19 48.91 8.88 13.24
C ALA F 19 48.98 8.06 14.53
N ASN F 20 47.96 8.24 15.38
CA ASN F 20 47.87 7.53 16.64
C ASN F 20 47.07 6.23 16.50
N VAL F 21 46.42 6.08 15.35
CA VAL F 21 45.51 4.98 15.05
C VAL F 21 46.12 3.59 15.27
N PRO F 22 45.27 2.58 15.58
CA PRO F 22 45.75 1.21 15.67
C PRO F 22 46.31 0.73 14.33
N GLN F 23 47.35 -0.08 14.40
CA GLN F 23 47.93 -0.70 13.22
C GLN F 23 47.27 -2.06 12.99
N THR F 24 46.92 -2.35 11.74
CA THR F 24 46.22 -3.59 11.40
C THR F 24 46.78 -4.20 10.11
N VAL F 25 46.36 -5.42 9.81
CA VAL F 25 46.70 -6.05 8.54
C VAL F 25 45.68 -5.61 7.50
N PRO F 26 46.16 -5.03 6.38
CA PRO F 26 45.27 -4.60 5.29
C PRO F 26 44.63 -5.81 4.62
N MET F 27 43.45 -5.59 4.03
CA MET F 27 42.70 -6.66 3.38
C MET F 27 43.47 -7.31 2.23
N ARG F 28 44.25 -6.51 1.50
CA ARG F 28 45.09 -7.00 0.39
C ARG F 28 46.07 -8.09 0.83
N LEU F 29 46.37 -8.11 2.13
CA LEU F 29 47.41 -8.99 2.68
C LEU F 29 46.83 -10.12 3.53
N ARG F 30 45.50 -10.20 3.59
CA ARG F 30 44.83 -11.29 4.29
C ARG F 30 44.48 -12.42 3.35
N LYS F 31 44.03 -13.54 3.91
CA LYS F 31 43.75 -14.76 3.14
C LYS F 31 42.37 -14.70 2.51
N LEU F 32 42.26 -13.96 1.41
CA LEU F 32 41.00 -13.77 0.71
C LEU F 32 41.16 -14.23 -0.73
N PRO F 33 40.10 -14.78 -1.35
CA PRO F 33 40.19 -15.23 -2.74
C PRO F 33 40.47 -14.09 -3.72
N ASP F 34 40.85 -14.44 -4.95
CA ASP F 34 41.28 -13.47 -5.95
C ASP F 34 40.19 -12.50 -6.37
N SER F 35 38.97 -13.01 -6.51
CA SER F 35 37.82 -12.22 -6.94
C SER F 35 37.51 -11.02 -6.04
N PHE F 36 38.01 -11.08 -4.80
CA PHE F 36 37.73 -10.05 -3.81
C PHE F 36 38.24 -8.65 -4.18
N PHE F 37 39.33 -8.58 -4.93
CA PHE F 37 40.00 -7.30 -5.16
C PHE F 37 39.63 -6.62 -6.48
N LYS F 38 39.23 -7.43 -7.47
CA LYS F 38 38.90 -6.94 -8.80
C LYS F 38 37.38 -6.78 -8.98
N PRO F 39 36.93 -5.57 -9.39
CA PRO F 39 35.52 -5.33 -9.67
C PRO F 39 35.06 -5.87 -11.03
N ILE G 4 -42.27 37.06 -30.94
CA ILE G 4 -41.11 36.48 -31.68
C ILE G 4 -40.96 37.12 -33.05
N GLY G 5 -39.86 37.85 -33.23
CA GLY G 5 -39.54 38.42 -34.52
C GLY G 5 -38.66 39.66 -34.48
N THR G 6 -37.93 39.88 -35.57
CA THR G 6 -37.14 41.08 -35.76
C THR G 6 -37.92 42.07 -36.64
N THR G 7 -37.19 42.90 -37.39
CA THR G 7 -37.79 43.84 -38.33
C THR G 7 -37.98 43.19 -39.70
N LYS G 8 -37.19 42.15 -39.96
CA LYS G 8 -37.19 41.46 -41.26
C LYS G 8 -38.14 40.27 -41.33
N LEU G 9 -38.38 39.60 -40.20
CA LEU G 9 -39.29 38.48 -40.15
C LEU G 9 -39.92 38.29 -38.78
N ARG G 10 -41.21 37.98 -38.75
CA ARG G 10 -41.92 37.64 -37.52
C ARG G 10 -42.62 36.28 -37.63
N LEU G 11 -42.74 35.60 -36.50
CA LEU G 11 -43.59 34.41 -36.43
C LEU G 11 -45.01 34.86 -36.07
N VAL G 12 -45.98 34.41 -36.85
CA VAL G 12 -47.39 34.74 -36.61
C VAL G 12 -48.07 33.56 -35.95
N GLU G 13 -47.93 32.39 -36.56
CA GLU G 13 -48.54 31.17 -36.06
C GLU G 13 -47.57 30.01 -36.15
N PHE G 14 -47.51 29.22 -35.08
CA PHE G 14 -46.89 27.89 -35.11
C PHE G 14 -47.81 26.93 -34.40
N SER G 15 -48.11 25.82 -35.07
CA SER G 15 -49.11 24.90 -34.57
C SER G 15 -48.78 23.46 -34.97
N ALA G 16 -48.66 22.59 -33.98
CA ALA G 16 -48.50 21.15 -34.22
C ALA G 16 -49.77 20.44 -33.78
N PHE G 17 -50.30 19.59 -34.65
CA PHE G 17 -51.63 19.02 -34.45
C PHE G 17 -51.78 17.60 -34.95
N LEU G 18 -52.81 16.92 -34.41
CA LEU G 18 -53.33 15.69 -34.95
C LEU G 18 -54.75 15.93 -35.42
N GLU G 19 -55.02 15.64 -36.69
CA GLU G 19 -56.35 15.77 -37.24
C GLU G 19 -56.98 14.41 -37.54
N GLN G 20 -58.19 14.21 -37.04
CA GLN G 20 -58.87 12.93 -37.17
CA GLN G 20 -58.89 12.93 -37.16
C GLN G 20 -60.20 13.05 -37.93
N GLN G 21 -60.29 12.32 -39.04
CA GLN G 21 -61.48 12.29 -39.87
C GLN G 21 -62.42 11.18 -39.38
N ARG G 22 -63.57 11.58 -38.84
CA ARG G 22 -64.61 10.64 -38.44
C ARG G 22 -65.36 10.14 -39.68
N ASP G 23 -65.98 11.07 -40.41
CA ASP G 23 -66.57 10.81 -41.71
C ASP G 23 -66.17 11.98 -42.64
N PRO G 24 -66.41 11.86 -43.97
CA PRO G 24 -65.88 12.87 -44.90
C PRO G 24 -66.25 14.33 -44.62
N ASP G 25 -67.19 14.57 -43.70
CA ASP G 25 -67.63 15.93 -43.34
C ASP G 25 -67.30 16.33 -41.90
N SER G 26 -66.63 15.45 -41.15
CA SER G 26 -66.36 15.71 -39.74
C SER G 26 -64.90 15.49 -39.40
N TYR G 27 -64.32 16.47 -38.73
CA TYR G 27 -62.90 16.48 -38.46
C TYR G 27 -62.67 16.98 -37.05
N ASN G 28 -61.93 16.20 -36.28
CA ASN G 28 -61.46 16.65 -34.97
C ASN G 28 -60.02 17.08 -35.10
N LYS G 29 -59.64 18.12 -34.37
CA LYS G 29 -58.28 18.63 -34.42
C LYS G 29 -57.74 18.85 -33.03
N HIS G 30 -56.69 18.11 -32.69
CA HIS G 30 -56.03 18.28 -31.40
C HIS G 30 -54.69 18.96 -31.59
N LEU G 31 -54.48 20.03 -30.83
CA LEU G 31 -53.24 20.79 -30.84
C LEU G 31 -52.31 20.27 -29.75
N PHE G 32 -51.10 19.86 -30.12
CA PHE G 32 -50.07 19.47 -29.16
C PHE G 32 -49.41 20.72 -28.58
N VAL G 33 -49.01 21.63 -29.47
CA VAL G 33 -48.48 22.95 -29.13
C VAL G 33 -49.01 23.99 -30.12
N HIS G 34 -49.10 25.24 -29.67
CA HIS G 34 -49.55 26.34 -30.51
C HIS G 34 -49.03 27.68 -30.02
N ILE G 35 -48.53 28.48 -30.96
CA ILE G 35 -48.18 29.87 -30.71
C ILE G 35 -49.03 30.72 -31.65
N GLY G 36 -49.71 31.71 -31.10
CA GLY G 36 -50.59 32.59 -31.87
C GLY G 36 -51.72 33.16 -31.02
N LEU G 46 -43.01 37.81 -23.54
CA LEU G 46 -41.57 37.63 -23.63
C LEU G 46 -40.92 37.74 -22.24
N LEU G 47 -40.25 36.67 -21.81
CA LEU G 47 -39.66 36.62 -20.48
C LEU G 47 -38.14 36.86 -20.48
N GLU G 48 -37.51 36.52 -19.36
CA GLU G 48 -36.10 36.81 -19.11
C GLU G 48 -35.15 36.23 -20.16
N SER G 49 -34.11 36.99 -20.48
CA SER G 49 -33.05 36.52 -21.37
C SER G 49 -32.42 35.25 -20.81
N VAL G 50 -31.94 34.41 -21.72
CA VAL G 50 -31.27 33.16 -21.37
C VAL G 50 -29.88 33.14 -22.02
N ASP G 51 -28.86 32.82 -21.23
CA ASP G 51 -27.49 32.66 -21.72
C ASP G 51 -27.45 31.47 -22.68
N ILE G 52 -27.24 31.75 -23.96
CA ILE G 52 -27.26 30.70 -24.99
C ILE G 52 -26.29 29.56 -24.67
N ARG G 53 -25.25 29.87 -23.92
CA ARG G 53 -24.20 28.93 -23.60
C ARG G 53 -24.71 27.80 -22.71
N GLN G 54 -25.75 28.09 -21.94
CA GLN G 54 -26.42 27.09 -21.12
C GLN G 54 -27.08 25.98 -21.95
N ILE G 55 -27.40 26.27 -23.20
CA ILE G 55 -28.17 25.33 -24.00
C ILE G 55 -27.48 24.78 -25.26
N TYR G 56 -26.24 25.19 -25.50
CA TYR G 56 -25.50 24.74 -26.70
C TYR G 56 -25.49 23.23 -26.92
N ASP G 57 -25.28 22.47 -25.85
CA ASP G 57 -25.14 21.01 -25.93
C ASP G 57 -26.44 20.27 -26.29
N LYS G 58 -27.55 21.02 -26.34
CA LYS G 58 -28.85 20.43 -26.67
C LYS G 58 -29.18 20.54 -28.17
N PHE G 59 -28.29 21.19 -28.92
CA PHE G 59 -28.49 21.38 -30.36
C PHE G 59 -27.23 21.02 -31.15
N PRO G 60 -27.37 20.72 -32.46
CA PRO G 60 -26.22 20.36 -33.30
C PRO G 60 -25.19 21.47 -33.29
N GLU G 61 -23.92 21.11 -33.18
CA GLU G 61 -22.85 22.11 -33.02
C GLU G 61 -21.68 21.93 -33.99
N LYS G 62 -21.84 21.02 -34.94
CA LYS G 62 -20.85 20.83 -36.01
C LYS G 62 -20.98 21.96 -37.04
N LYS G 63 -20.85 21.62 -38.33
CA LYS G 63 -20.94 22.65 -39.37
C LYS G 63 -22.40 22.96 -39.68
N GLY G 64 -22.77 24.23 -39.46
CA GLY G 64 -24.16 24.68 -39.61
C GLY G 64 -24.92 24.64 -38.29
N GLY G 65 -24.21 24.32 -37.22
CA GLY G 65 -24.80 24.24 -35.89
C GLY G 65 -25.23 25.56 -35.28
N LEU G 66 -25.76 25.47 -34.06
CA LEU G 66 -26.34 26.61 -33.38
C LEU G 66 -25.31 27.69 -33.02
N LYS G 67 -24.14 27.26 -32.52
CA LYS G 67 -23.06 28.18 -32.15
C LYS G 67 -22.53 28.91 -33.38
N GLU G 68 -22.31 28.17 -34.46
CA GLU G 68 -21.85 28.73 -35.73
C GLU G 68 -22.84 29.77 -36.23
N LEU G 69 -24.13 29.43 -36.22
CA LEU G 69 -25.20 30.30 -36.67
C LEU G 69 -25.40 31.54 -35.79
N PHE G 70 -25.25 31.37 -34.48
CA PHE G 70 -25.39 32.48 -33.52
C PHE G 70 -24.19 33.43 -33.58
N GLY G 71 -23.00 32.88 -33.81
CA GLY G 71 -21.82 33.70 -34.04
C GLY G 71 -22.05 34.64 -35.21
N LYS G 72 -22.38 34.06 -36.35
CA LYS G 72 -22.69 34.79 -37.60
C LYS G 72 -23.78 35.86 -37.46
N GLY G 73 -24.74 35.63 -36.56
CA GLY G 73 -25.79 36.62 -36.27
C GLY G 73 -26.91 36.66 -37.30
N PRO G 74 -27.83 37.64 -37.20
CA PRO G 74 -27.90 38.67 -36.14
C PRO G 74 -28.48 38.13 -34.84
N GLN G 75 -27.86 38.51 -33.72
CA GLN G 75 -28.15 37.92 -32.42
C GLN G 75 -29.56 38.24 -31.88
N ASN G 76 -30.18 39.28 -32.41
CA ASN G 76 -31.56 39.64 -32.04
C ASN G 76 -32.63 38.71 -32.63
N ALA G 77 -32.21 37.85 -33.56
CA ALA G 77 -33.11 36.93 -34.26
C ALA G 77 -33.22 35.56 -33.58
N PHE G 78 -32.56 35.42 -32.42
CA PHE G 78 -32.44 34.15 -31.71
C PHE G 78 -33.30 34.05 -30.46
N PHE G 79 -34.09 32.97 -30.39
CA PHE G 79 -35.05 32.76 -29.33
C PHE G 79 -35.04 31.30 -28.86
N LEU G 80 -35.27 31.11 -27.56
CA LEU G 80 -35.50 29.79 -27.00
C LEU G 80 -36.95 29.71 -26.56
N VAL G 81 -37.65 28.70 -27.07
CA VAL G 81 -39.05 28.52 -26.73
C VAL G 81 -39.23 27.24 -25.94
N LYS G 82 -39.91 27.35 -24.80
CA LYS G 82 -40.23 26.23 -23.95
C LYS G 82 -41.72 25.85 -24.11
N PHE G 83 -42.00 24.67 -24.66
CA PHE G 83 -43.39 24.19 -24.82
C PHE G 83 -43.80 23.21 -23.74
N TRP G 84 -45.00 23.42 -23.20
CA TRP G 84 -45.68 22.39 -22.43
C TRP G 84 -46.77 21.80 -23.31
N ALA G 85 -46.47 20.65 -23.90
CA ALA G 85 -47.33 20.01 -24.88
C ALA G 85 -48.53 19.29 -24.25
N ASP G 86 -49.67 19.43 -24.91
CA ASP G 86 -50.88 18.69 -24.56
C ASP G 86 -50.80 17.32 -25.26
N LEU G 87 -50.68 16.25 -24.48
CA LEU G 87 -50.68 14.90 -25.03
C LEU G 87 -52.02 14.19 -24.87
N ASN G 88 -53.01 14.92 -24.36
CA ASN G 88 -54.35 14.37 -24.12
C ASN G 88 -55.23 14.32 -25.38
N CYS G 89 -55.21 13.17 -26.05
CA CYS G 89 -56.11 12.88 -27.17
C CYS G 89 -56.21 11.37 -27.42
N ASN G 90 -57.27 10.95 -28.12
CA ASN G 90 -57.58 9.52 -28.28
C ASN G 90 -56.59 8.67 -29.09
N ILE G 91 -56.12 9.20 -30.22
CA ILE G 91 -55.22 8.49 -31.15
C ILE G 91 -55.74 7.09 -31.51
N ALA G 95 -58.22 6.22 -37.21
CA ALA G 95 -58.54 5.80 -38.57
C ALA G 95 -57.81 6.67 -39.59
N GLY G 96 -58.49 7.70 -40.10
CA GLY G 96 -57.88 8.67 -40.99
C GLY G 96 -57.15 9.72 -40.17
N ALA G 97 -55.92 9.39 -39.79
CA ALA G 97 -55.10 10.26 -38.95
C ALA G 97 -54.12 11.09 -39.77
N PHE G 98 -54.04 12.38 -39.45
CA PHE G 98 -53.02 13.24 -40.04
C PHE G 98 -52.27 14.04 -38.96
N TYR G 99 -50.96 13.88 -38.95
CA TYR G 99 -50.06 14.62 -38.06
C TYR G 99 -49.38 15.71 -38.86
N GLY G 100 -49.58 16.96 -38.43
CA GLY G 100 -49.07 18.09 -39.20
C GLY G 100 -48.59 19.29 -38.40
N VAL G 101 -47.96 20.21 -39.13
CA VAL G 101 -47.41 21.44 -38.59
C VAL G 101 -47.88 22.59 -39.46
N THR G 102 -48.41 23.63 -38.83
CA THR G 102 -48.80 24.85 -39.54
C THR G 102 -48.03 26.04 -38.99
N SER G 103 -47.40 26.79 -39.88
CA SER G 103 -46.61 27.96 -39.50
C SER G 103 -46.81 29.11 -40.47
N GLN G 104 -46.88 30.32 -39.92
CA GLN G 104 -47.02 31.52 -40.71
C GLN G 104 -46.02 32.58 -40.26
N TYR G 105 -45.27 33.11 -41.22
CA TYR G 105 -44.32 34.19 -40.98
C TYR G 105 -44.70 35.44 -41.78
N GLU G 106 -44.38 36.62 -41.24
CA GLU G 106 -44.66 37.89 -41.89
C GLU G 106 -43.38 38.69 -42.11
N SER G 107 -43.35 39.44 -43.21
CA SER G 107 -42.20 40.26 -43.58
C SER G 107 -42.62 41.44 -44.47
N SER G 108 -42.04 42.61 -44.18
CA SER G 108 -42.25 43.79 -45.03
C SER G 108 -41.46 43.64 -46.34
N GLU G 109 -40.55 42.68 -46.37
CA GLU G 109 -39.74 42.40 -47.54
C GLU G 109 -40.23 41.17 -48.29
N ASN G 110 -40.26 41.27 -49.62
CA ASN G 110 -40.59 40.14 -50.47
C ASN G 110 -39.33 39.31 -50.71
N MET G 111 -39.28 38.12 -50.11
CA MET G 111 -38.09 37.28 -50.19
C MET G 111 -38.44 35.85 -50.60
N THR G 112 -37.43 35.13 -51.10
CA THR G 112 -37.51 33.67 -51.16
C THR G 112 -36.96 33.18 -49.83
N VAL G 113 -37.67 32.24 -49.22
CA VAL G 113 -37.39 31.88 -47.83
C VAL G 113 -37.28 30.38 -47.65
N THR G 114 -36.24 29.95 -46.92
CA THR G 114 -36.06 28.54 -46.58
C THR G 114 -36.33 28.32 -45.09
N CYS G 115 -37.10 27.27 -44.81
CA CYS G 115 -37.50 26.95 -43.44
CA CYS G 115 -37.53 26.94 -43.45
C CYS G 115 -36.91 25.60 -43.03
N SER G 116 -36.02 25.64 -42.05
CA SER G 116 -35.35 24.42 -41.60
C SER G 116 -35.88 23.96 -40.25
N THR G 117 -36.33 22.71 -40.21
CA THR G 117 -36.72 22.07 -38.96
C THR G 117 -35.78 20.89 -38.74
N LYS G 118 -35.01 20.95 -37.65
CA LYS G 118 -34.17 19.84 -37.25
C LYS G 118 -34.70 19.20 -35.98
N VAL G 119 -35.02 17.91 -36.08
CA VAL G 119 -35.44 17.12 -34.93
C VAL G 119 -34.21 16.49 -34.28
N CYS G 120 -34.05 16.71 -32.98
CA CYS G 120 -32.80 16.39 -32.31
C CYS G 120 -32.90 15.51 -31.06
N SER G 121 -32.03 14.51 -31.02
CA SER G 121 -31.88 13.62 -29.87
C SER G 121 -30.45 13.78 -29.36
N PHE G 122 -30.32 14.14 -28.08
CA PHE G 122 -29.03 14.39 -27.44
C PHE G 122 -28.16 15.38 -28.23
N GLY G 123 -28.79 16.46 -28.68
CA GLY G 123 -28.10 17.49 -29.47
C GLY G 123 -27.70 17.05 -30.86
N LYS G 124 -28.07 15.83 -31.23
CA LYS G 124 -27.77 15.27 -32.55
C LYS G 124 -29.00 15.33 -33.47
N GLN G 125 -28.80 15.87 -34.67
CA GLN G 125 -29.83 15.86 -35.70
C GLN G 125 -30.22 14.41 -36.05
N VAL G 126 -31.52 14.12 -35.95
CA VAL G 126 -32.05 12.82 -36.33
C VAL G 126 -32.70 12.91 -37.71
N VAL G 127 -33.60 13.88 -37.86
CA VAL G 127 -34.28 14.15 -39.11
C VAL G 127 -34.31 15.66 -39.32
N GLU G 128 -34.01 16.08 -40.55
CA GLU G 128 -34.23 17.46 -40.97
C GLU G 128 -35.41 17.53 -41.92
N LYS G 129 -36.24 18.56 -41.75
CA LYS G 129 -37.26 18.89 -42.73
C LYS G 129 -36.92 20.26 -43.32
N VAL G 130 -36.85 20.32 -44.64
CA VAL G 130 -36.45 21.55 -45.32
C VAL G 130 -37.51 21.97 -46.35
N GLU G 131 -37.98 23.21 -46.21
CA GLU G 131 -39.08 23.73 -47.03
C GLU G 131 -38.76 25.10 -47.61
N THR G 132 -38.80 25.17 -48.93
CA THR G 132 -38.64 26.44 -49.64
C THR G 132 -40.03 27.02 -49.89
N GLU G 133 -40.22 28.29 -49.52
CA GLU G 133 -41.50 28.95 -49.75
C GLU G 133 -41.39 30.42 -50.13
N TYR G 134 -42.29 30.85 -51.00
CA TYR G 134 -42.31 32.22 -51.51
C TYR G 134 -43.36 33.06 -50.77
N ALA G 135 -43.46 34.33 -51.16
CA ALA G 135 -44.37 35.24 -50.49
C ALA G 135 -45.71 35.39 -51.22
N ARG G 136 -46.74 35.70 -50.44
CA ARG G 136 -48.00 36.22 -50.96
C ARG G 136 -48.25 37.56 -50.27
N PHE G 137 -48.39 38.60 -51.08
CA PHE G 137 -48.72 39.93 -50.58
C PHE G 137 -50.15 39.91 -50.04
N GLU G 138 -50.31 40.21 -48.75
CA GLU G 138 -51.61 40.16 -48.07
C GLU G 138 -51.75 41.34 -47.10
N ASN G 139 -52.56 42.33 -47.50
CA ASN G 139 -52.85 43.51 -46.69
C ASN G 139 -51.61 44.27 -46.20
N GLY G 140 -50.80 44.71 -47.16
CA GLY G 140 -49.61 45.52 -46.88
C GLY G 140 -48.43 44.78 -46.30
N ARG G 141 -48.44 43.45 -46.42
CA ARG G 141 -47.42 42.58 -45.84
C ARG G 141 -47.16 41.39 -46.76
N PHE G 142 -45.98 40.78 -46.62
CA PHE G 142 -45.67 39.55 -47.35
C PHE G 142 -45.72 38.37 -46.40
N VAL G 143 -46.52 37.38 -46.77
CA VAL G 143 -46.84 36.30 -45.87
C VAL G 143 -46.27 34.99 -46.36
N TYR G 144 -45.62 34.28 -45.45
CA TYR G 144 -45.04 32.98 -45.71
C TYR G 144 -45.79 31.96 -44.87
N ARG G 145 -46.54 31.10 -45.54
CA ARG G 145 -47.39 30.13 -44.85
C ARG G 145 -47.22 28.74 -45.41
N ILE G 146 -46.68 27.85 -44.57
CA ILE G 146 -46.70 26.42 -44.85
C ILE G 146 -47.96 25.85 -44.22
N ASN G 147 -48.74 25.16 -45.04
CA ASN G 147 -50.03 24.66 -44.59
C ASN G 147 -49.97 23.13 -44.52
N ARG G 148 -50.35 22.59 -43.37
CA ARG G 148 -50.42 21.13 -43.14
C ARG G 148 -49.15 20.37 -43.53
N SER G 149 -47.99 20.89 -43.13
CA SER G 149 -46.73 20.19 -43.34
C SER G 149 -46.73 18.89 -42.53
N PRO G 150 -46.51 17.74 -43.20
CA PRO G 150 -46.61 16.44 -42.54
C PRO G 150 -45.47 16.19 -41.55
N MET G 151 -45.80 15.59 -40.42
CA MET G 151 -44.80 15.12 -39.46
C MET G 151 -44.20 13.83 -39.99
N CYS G 152 -42.89 13.68 -39.90
CA CYS G 152 -42.23 12.46 -40.36
C CYS G 152 -42.59 11.27 -39.46
N GLU G 153 -42.15 10.07 -39.84
CA GLU G 153 -42.53 8.86 -39.13
C GLU G 153 -41.89 8.78 -37.75
N TYR G 154 -40.66 9.28 -37.64
CA TYR G 154 -39.99 9.41 -36.34
C TYR G 154 -40.91 10.09 -35.35
N MET G 155 -41.38 11.28 -35.70
CA MET G 155 -42.21 12.12 -34.83
C MET G 155 -43.52 11.48 -34.43
N ILE G 156 -44.14 10.77 -35.37
CA ILE G 156 -45.41 10.08 -35.15
C ILE G 156 -45.20 8.97 -34.12
N ASN G 157 -44.21 8.12 -34.39
CA ASN G 157 -43.79 7.06 -33.47
C ASN G 157 -43.36 7.60 -32.11
N PHE G 158 -42.61 8.70 -32.11
CA PHE G 158 -42.17 9.33 -30.87
C PHE G 158 -43.36 9.70 -29.99
N ILE G 159 -44.35 10.37 -30.58
CA ILE G 159 -45.60 10.75 -29.88
C ILE G 159 -46.35 9.50 -29.38
N HIS G 160 -46.39 8.46 -30.21
CA HIS G 160 -46.96 7.18 -29.81
C HIS G 160 -46.29 6.61 -28.55
N LYS G 161 -44.96 6.45 -28.61
CA LYS G 161 -44.19 5.89 -27.50
C LYS G 161 -44.27 6.70 -26.21
N LEU G 162 -44.34 8.03 -26.33
CA LEU G 162 -44.54 8.90 -25.17
C LEU G 162 -45.88 8.62 -24.51
N LYS G 163 -46.91 8.48 -25.36
CA LYS G 163 -48.28 8.24 -24.89
C LYS G 163 -48.49 6.89 -24.22
N HIS G 164 -47.68 5.89 -24.60
CA HIS G 164 -47.80 4.56 -24.03
C HIS G 164 -47.04 4.38 -22.70
N LEU G 165 -46.25 5.40 -22.34
CA LEU G 165 -45.50 5.39 -21.09
C LEU G 165 -46.43 5.39 -19.87
N PRO G 166 -46.02 4.66 -18.80
CA PRO G 166 -46.82 4.47 -17.58
C PRO G 166 -47.28 5.77 -16.94
N GLU G 167 -46.36 6.71 -16.73
CA GLU G 167 -46.71 7.94 -16.04
C GLU G 167 -46.27 9.24 -16.70
N LYS G 168 -46.87 10.32 -16.25
CA LYS G 168 -46.84 11.61 -16.94
C LYS G 168 -45.69 12.51 -16.48
N TYR G 169 -44.61 11.88 -16.02
CA TYR G 169 -43.34 12.57 -15.79
C TYR G 169 -42.14 11.66 -16.08
N MET G 170 -42.41 10.44 -16.53
CA MET G 170 -41.41 9.63 -17.19
C MET G 170 -41.19 10.18 -18.59
N MET G 171 -42.25 10.78 -19.14
CA MET G 171 -42.22 11.41 -20.45
C MET G 171 -41.30 12.64 -20.46
N ASN G 172 -41.37 13.44 -19.40
CA ASN G 172 -40.48 14.59 -19.21
C ASN G 172 -39.00 14.24 -19.24
N SER G 173 -38.65 13.09 -18.66
CA SER G 173 -37.26 12.61 -18.63
CA SER G 173 -37.26 12.64 -18.63
C SER G 173 -36.77 12.18 -20.02
N VAL G 174 -37.69 11.66 -20.83
CA VAL G 174 -37.39 11.31 -22.22
C VAL G 174 -37.25 12.60 -23.03
N LEU G 175 -38.17 13.53 -22.79
CA LEU G 175 -38.20 14.81 -23.49
C LEU G 175 -37.01 15.69 -23.14
N GLU G 176 -36.45 15.49 -21.96
CA GLU G 176 -35.26 16.19 -21.48
C GLU G 176 -34.19 16.33 -22.57
N ASN G 177 -34.04 15.28 -23.37
CA ASN G 177 -33.02 15.18 -24.41
C ASN G 177 -33.58 15.28 -25.82
N PHE G 178 -34.76 15.88 -25.94
CA PHE G 178 -35.44 16.02 -27.22
C PHE G 178 -35.66 17.51 -27.49
N THR G 179 -34.98 18.00 -28.52
CA THR G 179 -35.06 19.41 -28.91
C THR G 179 -35.35 19.54 -30.39
N ILE G 180 -35.98 20.66 -30.76
CA ILE G 180 -36.22 20.96 -32.17
CA ILE G 180 -36.27 20.98 -32.15
C ILE G 180 -35.65 22.34 -32.46
N LEU G 181 -34.91 22.41 -33.56
CA LEU G 181 -34.34 23.68 -33.98
C LEU G 181 -34.99 24.16 -35.26
N LEU G 182 -35.55 25.36 -35.18
CA LEU G 182 -36.19 26.00 -36.31
C LEU G 182 -35.44 27.25 -36.74
N VAL G 183 -34.92 27.19 -37.97
CA VAL G 183 -34.15 28.29 -38.55
C VAL G 183 -34.73 28.66 -39.91
N VAL G 184 -35.11 29.93 -40.04
CA VAL G 184 -35.66 30.45 -41.29
C VAL G 184 -34.64 31.38 -41.95
N THR G 185 -34.26 31.02 -43.17
CA THR G 185 -33.16 31.67 -43.86
C THR G 185 -33.61 32.29 -45.18
N ASN G 186 -33.17 33.52 -45.42
CA ASN G 186 -33.28 34.17 -46.71
C ASN G 186 -32.44 33.37 -47.72
N ARG G 187 -33.11 32.52 -48.50
CA ARG G 187 -32.45 31.57 -49.42
C ARG G 187 -31.53 32.25 -50.44
N ASP G 188 -31.58 33.58 -50.49
CA ASP G 188 -30.68 34.33 -51.36
C ASP G 188 -29.46 34.87 -50.61
N THR G 189 -29.67 35.65 -49.55
CA THR G 189 -28.56 36.22 -48.76
C THR G 189 -27.81 35.17 -47.95
N GLN G 190 -28.50 34.09 -47.60
CA GLN G 190 -28.04 33.10 -46.62
C GLN G 190 -28.10 33.68 -45.22
N GLU G 191 -28.63 34.90 -45.12
CA GLU G 191 -28.83 35.60 -43.87
C GLU G 191 -29.90 34.90 -43.03
N THR G 192 -29.58 34.70 -41.75
CA THR G 192 -30.53 34.11 -40.80
C THR G 192 -31.54 35.17 -40.38
N LEU G 193 -32.80 34.89 -40.68
CA LEU G 193 -33.91 35.79 -40.37
C LEU G 193 -34.48 35.50 -38.98
N LEU G 194 -34.62 34.21 -38.68
CA LEU G 194 -35.26 33.78 -37.44
C LEU G 194 -34.73 32.41 -37.00
N CYS G 195 -34.41 32.31 -35.71
CA CYS G 195 -34.00 31.05 -35.09
C CYS G 195 -34.71 30.79 -33.77
N MET G 196 -35.46 29.69 -33.73
CA MET G 196 -36.11 29.25 -32.51
C MET G 196 -35.52 27.92 -32.08
N ALA G 197 -35.04 27.88 -30.85
CA ALA G 197 -34.51 26.66 -30.28
C ALA G 197 -35.56 26.12 -29.30
N CYS G 198 -36.14 24.98 -29.63
CA CYS G 198 -37.32 24.49 -28.91
C CYS G 198 -37.02 23.34 -27.96
N VAL G 199 -37.57 23.48 -26.75
CA VAL G 199 -37.40 22.53 -25.66
C VAL G 199 -38.80 22.09 -25.17
N PHE G 200 -38.92 20.90 -24.58
CA PHE G 200 -40.25 20.29 -24.35
C PHE G 200 -40.50 19.64 -22.98
N GLU G 201 -41.70 19.87 -22.46
CA GLU G 201 -42.25 19.11 -21.35
C GLU G 201 -43.71 18.76 -21.66
N VAL G 202 -44.26 17.78 -20.95
CA VAL G 202 -45.69 17.44 -21.04
C VAL G 202 -46.48 18.36 -20.11
N SER G 203 -47.55 18.93 -20.64
CA SER G 203 -48.38 19.89 -19.92
C SER G 203 -49.19 19.24 -18.81
N ASN G 204 -49.21 19.90 -17.65
CA ASN G 204 -50.08 19.51 -16.54
C ASN G 204 -51.40 20.29 -16.56
N SER G 205 -51.33 21.51 -17.10
CA SER G 205 -52.44 22.46 -17.14
C SER G 205 -53.76 21.87 -17.63
N GLU G 206 -54.86 22.40 -17.08
CA GLU G 206 -56.20 22.07 -17.54
C GLU G 206 -56.49 22.84 -18.83
N HIS G 207 -55.85 24.00 -18.95
CA HIS G 207 -56.00 24.89 -20.12
C HIS G 207 -55.30 24.35 -21.37
N GLY G 208 -54.52 23.27 -21.20
CA GLY G 208 -53.88 22.58 -22.30
C GLY G 208 -52.44 23.00 -22.51
N ALA G 209 -52.07 23.18 -23.77
CA ALA G 209 -50.71 23.56 -24.14
C ALA G 209 -50.38 24.98 -23.73
N GLN G 210 -49.15 25.18 -23.25
CA GLN G 210 -48.61 26.50 -22.92
C GLN G 210 -47.18 26.62 -23.43
N HIS G 211 -46.66 27.85 -23.49
CA HIS G 211 -45.32 28.07 -23.99
C HIS G 211 -44.65 29.29 -23.37
N HIS G 212 -43.32 29.26 -23.32
CA HIS G 212 -42.53 30.37 -22.77
C HIS G 212 -41.48 30.82 -23.78
N ILE G 213 -41.30 32.13 -23.92
CA ILE G 213 -40.35 32.66 -24.90
C ILE G 213 -39.29 33.54 -24.23
N HIS G 214 -38.02 33.25 -24.52
CA HIS G 214 -36.89 34.02 -24.02
C HIS G 214 -35.97 34.33 -25.18
N ARG G 215 -35.33 35.49 -25.14
CA ARG G 215 -34.24 35.78 -26.07
C ARG G 215 -33.02 34.97 -25.70
N LEU G 216 -32.17 34.74 -26.68
CA LEU G 216 -30.89 34.08 -26.46
C LEU G 216 -29.78 35.10 -26.61
N VAL G 217 -28.95 35.21 -25.57
CA VAL G 217 -27.90 36.22 -25.51
C VAL G 217 -26.58 35.60 -25.05
N LYS G 218 -25.57 36.47 -24.85
CA LYS G 218 -24.25 36.12 -24.26
C LYS G 218 -23.48 35.13 -25.14
N ASP H 5 -30.85 5.65 -31.80
CA ASP H 5 -32.17 5.08 -32.22
C ASP H 5 -33.28 5.48 -31.24
N LEU H 6 -34.51 5.54 -31.74
CA LEU H 6 -35.69 5.93 -30.97
C LEU H 6 -35.96 4.99 -29.79
N GLU H 7 -35.76 3.69 -30.03
CA GLU H 7 -35.93 2.66 -28.98
C GLU H 7 -35.01 2.92 -27.80
N ALA H 8 -33.78 3.34 -28.10
CA ALA H 8 -32.76 3.62 -27.08
C ALA H 8 -33.07 4.85 -26.24
N LEU H 9 -33.84 5.78 -26.82
CA LEU H 9 -34.25 7.00 -26.12
C LEU H 9 -35.28 6.69 -25.03
N PHE H 10 -36.08 5.64 -25.25
CA PHE H 10 -37.17 5.29 -24.34
C PHE H 10 -36.82 4.20 -23.33
N ASN H 11 -35.92 3.29 -23.70
CA ASN H 11 -35.46 2.24 -22.80
C ASN H 11 -34.49 2.78 -21.74
N ALA H 12 -33.96 3.97 -22.00
CA ALA H 12 -33.05 4.67 -21.08
C ALA H 12 -33.78 5.18 -19.82
N VAL H 13 -35.10 5.09 -19.80
CA VAL H 13 -35.89 5.46 -18.62
C VAL H 13 -36.78 4.30 -18.13
N MET H 14 -37.27 3.47 -19.05
CA MET H 14 -38.05 2.29 -18.72
CA MET H 14 -38.05 2.29 -18.70
C MET H 14 -37.17 1.24 -18.04
N ASN H 15 -35.91 1.19 -18.45
CA ASN H 15 -34.91 0.32 -17.84
C ASN H 15 -33.65 1.13 -17.53
N PRO H 16 -33.62 1.79 -16.35
CA PRO H 16 -32.56 2.72 -15.96
C PRO H 16 -31.18 2.08 -15.76
N LYS H 17 -31.14 0.78 -15.47
CA LYS H 17 -29.89 0.06 -15.20
C LYS H 17 -28.98 -0.04 -16.43
N THR H 18 -29.48 -0.67 -17.49
CA THR H 18 -28.70 -0.85 -18.73
C THR H 18 -28.68 0.38 -19.62
N ALA H 19 -29.15 1.52 -19.08
CA ALA H 19 -29.19 2.79 -19.80
C ALA H 19 -27.83 3.16 -20.36
N ASN H 20 -27.73 3.14 -21.69
CA ASN H 20 -26.49 3.46 -22.40
C ASN H 20 -26.68 4.65 -23.33
N VAL H 21 -26.75 5.84 -22.74
CA VAL H 21 -26.99 7.09 -23.47
C VAL H 21 -26.02 8.21 -23.04
N PRO H 22 -25.52 9.02 -24.00
CA PRO H 22 -24.62 10.13 -23.66
C PRO H 22 -25.29 11.08 -22.67
N GLN H 23 -24.55 11.45 -21.63
CA GLN H 23 -25.14 12.15 -20.48
C GLN H 23 -24.66 13.59 -20.34
N THR H 24 -25.51 14.42 -19.75
CA THR H 24 -25.18 15.82 -19.52
C THR H 24 -25.90 16.34 -18.28
N VAL H 25 -25.67 17.61 -17.93
CA VAL H 25 -26.32 18.25 -16.79
C VAL H 25 -27.81 18.45 -17.07
N PRO H 26 -28.69 17.90 -16.21
CA PRO H 26 -30.14 18.07 -16.39
C PRO H 26 -30.54 19.55 -16.40
N MET H 27 -31.60 19.88 -17.15
CA MET H 27 -32.05 21.25 -17.30
C MET H 27 -32.41 21.98 -16.00
N ARG H 28 -33.04 21.28 -15.07
CA ARG H 28 -33.46 21.90 -13.81
C ARG H 28 -32.30 22.31 -12.89
N LEU H 29 -31.11 21.79 -13.17
CA LEU H 29 -29.95 22.12 -12.36
C LEU H 29 -29.03 23.15 -13.00
N ARG H 30 -29.36 23.57 -14.22
CA ARG H 30 -28.57 24.57 -14.92
C ARG H 30 -28.92 25.98 -14.46
N LYS H 31 -28.09 26.95 -14.86
CA LYS H 31 -28.32 28.35 -14.53
C LYS H 31 -29.40 28.95 -15.42
N LEU H 32 -30.63 28.52 -15.19
CA LEU H 32 -31.79 29.03 -15.92
C LEU H 32 -32.80 29.67 -14.97
N PRO H 33 -33.37 30.84 -15.37
CA PRO H 33 -34.41 31.59 -14.69
C PRO H 33 -35.51 30.77 -14.00
N ASP H 34 -36.05 31.30 -12.91
CA ASP H 34 -37.09 30.63 -12.11
C ASP H 34 -38.30 30.23 -12.96
N SER H 35 -38.74 31.14 -13.82
CA SER H 35 -39.87 30.91 -14.72
C SER H 35 -39.74 29.62 -15.53
N PHE H 36 -38.52 29.29 -15.93
CA PHE H 36 -38.24 28.19 -16.87
C PHE H 36 -38.88 26.84 -16.51
N PHE H 37 -39.23 26.67 -15.25
CA PHE H 37 -39.77 25.39 -14.76
C PHE H 37 -41.21 25.53 -14.23
N LYS H 38 -41.81 26.71 -14.43
CA LYS H 38 -43.19 26.94 -14.06
C LYS H 38 -44.01 27.45 -15.26
N PRO H 39 -45.06 26.69 -15.66
CA PRO H 39 -45.93 27.06 -16.79
C PRO H 39 -46.77 28.33 -16.52
C1 MYR I . 22.97 -26.00 44.15
O1 MYR I . 23.26 -24.78 44.09
O2 MYR I . 22.37 -26.43 45.16
C2 MYR I . 23.33 -26.92 43.01
C3 MYR I . 23.47 -28.34 43.52
C4 MYR I . 22.16 -29.09 43.31
C5 MYR I . 22.34 -30.59 43.43
C6 MYR I . 22.46 -31.23 42.06
C7 MYR I . 22.48 -32.75 42.17
C8 MYR I . 21.05 -33.30 42.25
C9 MYR I . 20.92 -34.29 43.41
C10 MYR I . 19.61 -35.05 43.32
C11 MYR I . 18.58 -34.41 44.25
C12 MYR I . 17.68 -35.46 44.88
C13 MYR I . 16.25 -35.23 44.40
C14 MYR I . 15.52 -36.58 44.35
C1 MYR J . -3.36 4.33 -14.55
O1 MYR J . -2.71 4.84 -15.49
O2 MYR J . -3.30 3.11 -14.37
C2 MYR J . -4.19 5.18 -13.63
C3 MYR J . -3.36 6.28 -12.99
C4 MYR J . -3.64 7.60 -13.68
C5 MYR J . -2.80 8.72 -13.09
C6 MYR J . -3.61 9.58 -12.12
C7 MYR J . -2.96 10.93 -11.85
C8 MYR J . -3.25 11.96 -12.93
C9 MYR J . -1.96 12.39 -13.60
C10 MYR J . -1.83 13.91 -13.56
C11 MYR J . -1.01 14.39 -14.75
C12 MYR J . -1.65 15.61 -15.41
C13 MYR J . -2.13 15.24 -16.81
C14 MYR J . -3.65 15.12 -16.81
C1 MYR K . 22.13 4.57 10.08
O1 MYR K . 22.69 5.61 9.67
O2 MYR K . 21.59 4.57 11.21
C2 MYR K . 22.09 3.30 9.24
C3 MYR K . 22.38 3.62 7.77
C4 MYR K . 23.86 3.39 7.47
C5 MYR K . 24.15 3.56 5.99
C6 MYR K . 24.35 2.20 5.33
C7 MYR K . 24.64 2.34 3.85
C8 MYR K . 26.11 2.63 3.58
C9 MYR K . 26.22 3.67 2.46
C10 MYR K . 27.68 3.84 2.07
C11 MYR K . 28.06 5.30 2.25
C12 MYR K . 29.29 5.63 1.41
C13 MYR K . 30.55 5.55 2.26
C14 MYR K . 31.34 4.31 1.88
C1 MYR L . -41.28 17.17 -39.13
O1 MYR L . -40.85 17.20 -40.30
O2 MYR L . -41.67 16.09 -38.65
C2 MYR L . -41.30 18.44 -38.30
C3 MYR L . -42.30 18.29 -37.16
C4 MYR L . -41.97 19.23 -36.01
C5 MYR L . -42.81 18.91 -34.77
C6 MYR L . -42.58 19.98 -33.72
C7 MYR L . -43.78 20.18 -32.81
C8 MYR L . -43.65 19.38 -31.53
C9 MYR L . -45.02 18.91 -31.10
C10 MYR L . -44.98 18.27 -29.72
C11 MYR L . -45.11 16.76 -29.84
C12 MYR L . -45.13 16.08 -28.48
C13 MYR L . -43.72 15.95 -27.90
C14 MYR L . -43.51 16.96 -26.79
#